data_6RD6
#
_entry.id   6RD6
#
_cell.length_a   1.0
_cell.length_b   1.0
_cell.length_c   1.0
_cell.angle_alpha   90.00
_cell.angle_beta   90.00
_cell.angle_gamma   90.00
#
_symmetry.space_group_name_H-M   'P 1'
#
loop_
_entity.id
_entity.type
_entity.pdbx_description
1 polymer 'ASA-2: Polytomella F-ATP synthase associated subunit 2'
2 polymer 'Mitochondrial ATP synthase associated protein ASA4'
3 polymer 'Mitochondrial ATP synthase associated protein ASA7'
4 polymer 'Mitochondrial ATP synthase subunit OSCP'
5 polymer 'ATP synthase subunit alpha'
6 water water
#
loop_
_entity_poly.entity_id
_entity_poly.type
_entity_poly.pdbx_seq_one_letter_code
_entity_poly.pdbx_strand_id
1 'polypeptide(L)'
;ENDVPAILKEIDSLVSREAVSAKEVSDAAVALTYLQVKANRRLWGKVLEKAGAAQDYDAASLTNLLWAINTGGVEHFKTV
AELAGPAVSLLPSLSPVQLSIVVEALGGAGVKNYELYNKASAVVVSKIGEFKPAEIARVLYGVAFGGVNDVALAKAAGKV
FASTEVDSRTAAQALYALAKLGRADKATVDALLKSFKKGTESASDAAAASFALGSLSFKAEKAIVDALKASAGDLAPAQA
VEAAYGLALSGATDAEAFKALFGVVAPAIEKAPDALEVSSLAQLHVASTISGAKLPAAVGSFVAKAFGLAADAARLKRSS
AESALVADVAAATAVAFGAQYRPEVASAVASYVKTAPDGSVLDIAITKGDAKVLVQAVPSSLLTSTTPAKPLGHVAAYSK
VREAQGYAVAVVPANEFEALPDQKAKAQYVLAAIKKVAPSF
;
2
2 'polypeptide(L)'
;ATEPAVSKKEVLYFLSSKDAESSTAVKSYLKSLYAGAQVEATETDASELIAQLEKKYLSAQVVEPGVHNIALPLGESGSA
PVKRYAAELFNLGAQAGFECPFIEVSKKFGQETATSETVKDVLNKTKSYVSADYNAALNEVLSSVEAEINGPVLFDGKTE
GFKKFAAKAKAVAVSRGLPADTILAYCAGSANEDAADKVSKEFFTWFESAYTADAAAEVKAIEAEAASILDRHLAKPVAQ
IRKEQASAYASLLKRAETAKGAKWAEKYLEDVKAVQWFDASVAEAPASGPKVAA
;
4
3 'polypeptide(L)'
;MSSVRAGVEAGRRDLTTFTFSGLQDAPVAALSGSIKLNVAAKAGKAEVTVAAGAAKAATQVSAAALRKLSGSKISLAEVA
RISVLHSSIQNYLLSLSNERYQLLSQWPDFTTMYGKDFYYRAHPEDLKKFYDAADEYYKLYETVTEFDSLSALASQVVPN
YAARRRSTVHPAIGSTVADGAFTNFLLSKQ
;
7
4 'polypeptide(L)'
;MLARVASVALRRAEGKIMPQMVRALSVSAASAAQAELKLPTAPLQLSGTSAQIATLLWQVAAKENQLDKVQDELYQFIEL
FKQHSELRRLATDPFVPTLVRTKIISSVLKDSGASEITKKLFEALADEGALSALLEVTVNYEELMLAHKKEVYCTVITAE
PLDKLERVELTKKAEKFVDAGFKLVMQEKIDKKLLGGFVIEFSDRRVDMSTAKKVEEFNNFVNKLVLSI
;
P
5 'polypeptide(L)'
;MRSPAAFVARSGLFKASLGQSNWAQKAEQMMASVTRTFAADAKALDELRKPKFSSKYLIQHVSQKLIPAVKEWEKSYQPP
VIHLGRVLSVGDGIARVYGLKSVQAGELVCFDSGVKGMALNLQADHVGVVVFGNDSVIHQGDLVYRTGQIVNVPIGPGTL
GRVTDGLGQPIDGKGPLTNVRSSLVEVKAPGIIARQSVREPLFTGVKAVDALVPIGRGQRELIIGDRQTGKTAVAIDAII
HQKNCNEQVPKAQRVYCVYVAVGQKRSTVAQLVKLFTQTGAMRYTIMVSATASDAAPLQFLAPYSGCAMAEYFRDTGKHG
LIIYDDLSKQSVAYRQMSLLLRRPPGREAFPGDVFYLHSRLLERAAKLSKELGGGSLTAFPVIETQAGDVSAYIATNVIS
ITDGQIFLETELFYKGIRPALNVGLSVSRVGSAAQFPGMKQVAGTLKLELAQYREVAAFAQFGSDLDAATQYVLERGARL
TEMLKQKQFAPIPIERQTVAVYAATKGFLDKVRVQDIVAAEEAVISQVNPAVFKILKANGKITPALDAHLKAELRKVKLP
GA
;
T
#
# COMPACT_ATOMS: atom_id res chain seq x y z
N GLU A 1 45.63 -14.63 -7.21
CA GLU A 1 45.64 -13.74 -8.36
C GLU A 1 44.22 -13.52 -8.89
N ASN A 2 43.40 -14.57 -8.80
CA ASN A 2 42.00 -14.52 -9.21
C ASN A 2 41.20 -15.29 -8.16
N ASP A 3 40.71 -14.58 -7.15
CA ASP A 3 40.02 -15.20 -6.01
C ASP A 3 38.82 -14.33 -5.67
N VAL A 4 37.63 -14.89 -5.87
CA VAL A 4 36.37 -14.17 -5.61
C VAL A 4 36.00 -14.20 -4.11
N PRO A 5 36.13 -15.32 -3.36
CA PRO A 5 35.96 -15.21 -1.90
C PRO A 5 36.94 -14.27 -1.19
N ALA A 6 38.16 -14.11 -1.69
CA ALA A 6 39.09 -13.18 -1.05
C ALA A 6 38.70 -11.73 -1.28
N ILE A 7 38.23 -11.40 -2.49
CA ILE A 7 37.82 -10.02 -2.75
C ILE A 7 36.48 -9.73 -2.08
N LEU A 8 35.65 -10.77 -1.88
CA LEU A 8 34.44 -10.58 -1.08
C LEU A 8 34.79 -10.39 0.40
N LYS A 9 35.83 -11.07 0.87
CA LYS A 9 36.32 -10.86 2.23
C LYS A 9 36.86 -9.45 2.42
N GLU A 10 37.55 -8.92 1.41
CA GLU A 10 38.09 -7.56 1.51
C GLU A 10 36.99 -6.52 1.41
N ILE A 11 35.95 -6.78 0.61
CA ILE A 11 34.81 -5.88 0.54
C ILE A 11 34.04 -5.89 1.85
N ASP A 12 33.89 -7.08 2.45
CA ASP A 12 33.20 -7.19 3.74
C ASP A 12 33.98 -6.50 4.86
N SER A 13 35.31 -6.54 4.79
CA SER A 13 36.10 -5.80 5.77
C SER A 13 36.06 -4.30 5.49
N LEU A 14 35.86 -3.92 4.24
CA LEU A 14 35.76 -2.50 3.90
C LEU A 14 34.45 -1.90 4.40
N VAL A 15 33.33 -2.62 4.27
CA VAL A 15 32.05 -2.06 4.67
C VAL A 15 31.70 -2.37 6.11
N SER A 16 32.62 -2.95 6.88
CA SER A 16 32.40 -3.17 8.30
C SER A 16 33.09 -2.14 9.17
N ARG A 17 33.65 -1.09 8.57
CA ARG A 17 34.42 -0.12 9.33
C ARG A 17 33.52 0.87 10.04
N GLU A 18 34.13 1.76 10.82
CA GLU A 18 33.37 2.71 11.62
C GLU A 18 32.86 3.85 10.76
N ALA A 19 33.67 4.32 9.82
CA ALA A 19 33.32 5.44 8.94
C ALA A 19 33.65 5.07 7.50
N VAL A 20 32.60 4.78 6.73
CA VAL A 20 32.74 4.44 5.31
C VAL A 20 32.08 5.55 4.50
N SER A 21 32.86 6.22 3.66
CA SER A 21 32.33 7.30 2.85
C SER A 21 31.48 6.75 1.71
N ALA A 22 30.72 7.64 1.08
CA ALA A 22 29.79 7.23 0.04
C ALA A 22 30.48 6.72 -1.21
N LYS A 23 31.71 7.18 -1.48
CA LYS A 23 32.46 6.66 -2.60
C LYS A 23 32.86 5.20 -2.39
N GLU A 24 33.24 4.86 -1.16
CA GLU A 24 33.61 3.48 -0.86
C GLU A 24 32.41 2.54 -0.90
N VAL A 25 31.26 3.00 -0.41
CA VAL A 25 30.04 2.19 -0.45
C VAL A 25 29.57 2.01 -1.87
N SER A 26 29.64 3.08 -2.68
CA SER A 26 29.26 3.01 -4.08
C SER A 26 30.16 2.04 -4.85
N ASP A 27 31.46 2.09 -4.58
CA ASP A 27 32.38 1.19 -5.26
C ASP A 27 32.22 -0.25 -4.79
N ALA A 28 31.90 -0.45 -3.51
CA ALA A 28 31.64 -1.80 -3.00
C ALA A 28 30.38 -2.39 -3.62
N ALA A 29 29.33 -1.57 -3.79
CA ALA A 29 28.12 -2.04 -4.44
C ALA A 29 28.33 -2.33 -5.92
N VAL A 30 29.12 -1.49 -6.60
CA VAL A 30 29.41 -1.70 -8.02
C VAL A 30 30.21 -2.98 -8.22
N ALA A 31 31.19 -3.22 -7.34
CA ALA A 31 31.94 -4.47 -7.40
C ALA A 31 31.08 -5.68 -7.05
N LEU A 32 30.14 -5.54 -6.13
CA LEU A 32 29.23 -6.64 -5.81
C LEU A 32 28.30 -6.96 -6.98
N THR A 33 27.93 -5.95 -7.76
CA THR A 33 27.10 -6.19 -8.93
C THR A 33 27.90 -6.82 -10.06
N TYR A 34 29.14 -6.35 -10.27
CA TYR A 34 29.97 -6.90 -11.34
C TYR A 34 30.40 -8.33 -11.04
N LEU A 35 30.59 -8.65 -9.76
CA LEU A 35 30.89 -10.02 -9.36
C LEU A 35 29.66 -10.91 -9.28
N GLN A 36 28.46 -10.34 -9.48
CA GLN A 36 27.19 -11.07 -9.50
C GLN A 36 26.93 -11.82 -8.20
N VAL A 37 26.91 -11.07 -7.10
CA VAL A 37 26.78 -11.66 -5.78
C VAL A 37 25.32 -11.73 -5.37
N LYS A 38 24.77 -12.95 -5.33
CA LYS A 38 23.38 -13.11 -4.96
C LYS A 38 23.24 -13.99 -3.72
N ALA A 39 24.16 -14.93 -3.52
CA ALA A 39 24.03 -15.86 -2.41
C ALA A 39 24.43 -15.20 -1.09
N ASN A 40 25.36 -14.26 -1.12
CA ASN A 40 25.77 -13.53 0.08
C ASN A 40 24.84 -12.34 0.27
N ARG A 41 23.77 -12.57 1.04
CA ARG A 41 22.80 -11.51 1.29
C ARG A 41 23.29 -10.58 2.39
N ARG A 42 24.12 -11.08 3.31
CA ARG A 42 24.60 -10.25 4.42
C ARG A 42 25.60 -9.20 3.93
N LEU A 43 26.34 -9.50 2.87
CA LEU A 43 27.26 -8.52 2.32
C LEU A 43 26.52 -7.38 1.65
N TRP A 44 25.44 -7.71 0.93
CA TRP A 44 24.57 -6.67 0.39
C TRP A 44 23.87 -5.90 1.49
N GLY A 45 23.57 -6.58 2.61
CA GLY A 45 22.99 -5.90 3.75
C GLY A 45 23.94 -4.90 4.39
N LYS A 46 25.21 -5.28 4.52
CA LYS A 46 26.22 -4.37 5.07
C LYS A 46 26.45 -3.19 4.13
N VAL A 47 26.47 -3.44 2.83
CA VAL A 47 26.63 -2.37 1.85
C VAL A 47 25.44 -1.41 1.89
N LEU A 48 24.22 -1.94 2.01
CA LEU A 48 23.04 -1.07 2.04
C LEU A 48 22.93 -0.33 3.37
N GLU A 49 23.40 -0.92 4.46
CA GLU A 49 23.46 -0.22 5.74
C GLU A 49 24.44 0.95 5.68
N LYS A 50 25.61 0.73 5.09
CA LYS A 50 26.57 1.82 4.96
C LYS A 50 26.13 2.85 3.93
N ALA A 51 25.29 2.43 2.98
CA ALA A 51 24.73 3.38 2.02
C ALA A 51 23.68 4.26 2.67
N GLY A 52 22.90 3.69 3.59
CA GLY A 52 21.97 4.50 4.35
C GLY A 52 22.66 5.44 5.32
N ALA A 53 23.80 4.99 5.87
CA ALA A 53 24.51 5.83 6.84
C ALA A 53 25.37 6.89 6.17
N ALA A 54 25.63 6.76 4.87
CA ALA A 54 26.54 7.70 4.19
C ALA A 54 25.86 9.04 3.97
N GLN A 55 26.62 10.12 4.20
CA GLN A 55 26.08 11.46 4.17
C GLN A 55 26.75 12.40 3.18
N ASP A 56 27.81 11.96 2.51
CA ASP A 56 28.53 12.80 1.57
C ASP A 56 28.40 12.24 0.15
N TYR A 57 27.28 12.54 -0.49
CA TYR A 57 26.98 11.98 -1.79
C TYR A 57 27.18 13.05 -2.86
N ASP A 58 28.00 12.74 -3.85
CA ASP A 58 28.09 13.52 -5.07
C ASP A 58 27.31 12.81 -6.17
N ALA A 59 27.44 13.32 -7.40
CA ALA A 59 26.67 12.80 -8.51
C ALA A 59 27.13 11.39 -8.91
N ALA A 60 28.45 11.18 -8.99
CA ALA A 60 28.98 9.92 -9.50
C ALA A 60 28.75 8.76 -8.53
N SER A 61 28.95 8.97 -7.23
CA SER A 61 28.76 7.90 -6.27
C SER A 61 27.30 7.52 -6.11
N LEU A 62 26.41 8.51 -6.11
CA LEU A 62 24.98 8.23 -6.07
C LEU A 62 24.52 7.49 -7.32
N THR A 63 25.03 7.89 -8.48
CA THR A 63 24.66 7.24 -9.73
C THR A 63 25.19 5.81 -9.79
N ASN A 64 26.43 5.59 -9.37
CA ASN A 64 27.00 4.25 -9.43
C ASN A 64 26.35 3.32 -8.41
N LEU A 65 26.01 3.84 -7.23
CA LEU A 65 25.36 3.02 -6.22
C LEU A 65 23.93 2.68 -6.60
N LEU A 66 23.22 3.64 -7.22
CA LEU A 66 21.87 3.36 -7.66
C LEU A 66 21.85 2.42 -8.86
N TRP A 67 22.86 2.53 -9.74
CA TRP A 67 23.04 1.55 -10.81
C TRP A 67 23.27 0.16 -10.25
N ALA A 68 24.11 0.05 -9.22
CA ALA A 68 24.43 -1.24 -8.65
C ALA A 68 23.24 -1.86 -7.93
N ILE A 69 22.44 -1.04 -7.25
CA ILE A 69 21.23 -1.53 -6.59
C ILE A 69 20.20 -1.98 -7.62
N ASN A 70 20.02 -1.20 -8.69
CA ASN A 70 19.02 -1.53 -9.70
C ASN A 70 19.45 -2.75 -10.52
N THR A 71 20.75 -2.89 -10.79
CA THR A 71 21.22 -3.97 -11.64
C THR A 71 21.39 -5.26 -10.87
N GLY A 72 21.80 -5.17 -9.60
CA GLY A 72 22.01 -6.37 -8.82
C GLY A 72 20.71 -7.06 -8.42
N GLY A 73 19.60 -6.35 -8.53
CA GLY A 73 18.33 -6.88 -8.09
C GLY A 73 18.11 -6.78 -6.60
N VAL A 74 18.66 -5.77 -5.96
CA VAL A 74 18.62 -5.65 -4.50
C VAL A 74 17.52 -4.66 -4.13
N GLU A 75 16.50 -5.14 -3.42
CA GLU A 75 15.40 -4.31 -2.98
C GLU A 75 15.42 -4.16 -1.46
N HIS A 76 15.51 -2.91 -1.02
CA HIS A 76 15.30 -2.54 0.39
C HIS A 76 14.78 -1.11 0.35
N PHE A 77 13.48 -0.96 0.57
CA PHE A 77 12.78 0.28 0.23
C PHE A 77 13.22 1.44 1.09
N LYS A 78 13.66 1.18 2.33
CA LYS A 78 14.03 2.25 3.24
C LYS A 78 15.28 2.97 2.78
N THR A 79 16.33 2.21 2.45
CA THR A 79 17.60 2.82 2.04
C THR A 79 17.48 3.51 0.69
N VAL A 80 16.86 2.84 -0.28
CA VAL A 80 16.72 3.41 -1.62
C VAL A 80 15.77 4.60 -1.60
N ALA A 81 14.75 4.57 -0.75
CA ALA A 81 13.81 5.69 -0.70
C ALA A 81 14.37 6.86 0.10
N GLU A 82 15.34 6.60 0.98
CA GLU A 82 16.01 7.70 1.65
C GLU A 82 17.19 8.21 0.83
N LEU A 83 17.58 7.47 -0.21
CA LEU A 83 18.53 7.97 -1.19
C LEU A 83 17.92 8.99 -2.15
N ALA A 84 16.63 9.28 -2.03
CA ALA A 84 16.01 10.27 -2.91
C ALA A 84 16.38 11.69 -2.50
N GLY A 85 16.80 11.87 -1.25
CA GLY A 85 17.25 13.16 -0.77
C GLY A 85 18.52 13.67 -1.41
N PRO A 86 19.57 12.84 -1.44
CA PRO A 86 20.71 13.15 -2.31
C PRO A 86 20.34 13.37 -3.78
N ALA A 87 19.35 12.62 -4.28
CA ALA A 87 18.94 12.79 -5.67
C ALA A 87 18.31 14.15 -5.92
N VAL A 88 17.41 14.58 -5.03
CA VAL A 88 16.76 15.89 -5.20
C VAL A 88 17.77 17.02 -4.96
N SER A 89 18.69 16.84 -4.01
CA SER A 89 19.64 17.91 -3.73
C SER A 89 20.73 17.98 -4.81
N LEU A 90 20.94 16.90 -5.56
CA LEU A 90 21.95 16.90 -6.61
C LEU A 90 21.37 16.92 -8.02
N LEU A 91 20.05 17.02 -8.15
CA LEU A 91 19.40 16.99 -9.47
C LEU A 91 19.81 18.09 -10.44
N PRO A 92 20.10 19.34 -10.04
CA PRO A 92 20.75 20.25 -10.99
C PRO A 92 22.19 19.87 -11.32
N SER A 93 22.88 19.17 -10.42
CA SER A 93 24.27 18.79 -10.63
C SER A 93 24.43 17.50 -11.42
N LEU A 94 23.33 16.83 -11.76
CA LEU A 94 23.40 15.55 -12.46
C LEU A 94 23.42 15.75 -13.96
N SER A 95 24.23 14.94 -14.64
CA SER A 95 24.21 14.89 -16.09
C SER A 95 22.96 14.13 -16.55
N PRO A 96 22.58 14.23 -17.85
CA PRO A 96 21.47 13.44 -18.37
C PRO A 96 21.57 11.94 -18.16
N VAL A 97 22.75 11.36 -18.30
CA VAL A 97 22.91 9.92 -18.08
C VAL A 97 22.77 9.59 -16.60
N GLN A 98 23.24 10.48 -15.73
CA GLN A 98 23.19 10.22 -14.30
C GLN A 98 21.78 10.42 -13.77
N LEU A 99 21.10 11.46 -14.24
CA LEU A 99 19.69 11.66 -13.92
C LEU A 99 18.84 10.51 -14.43
N SER A 100 19.19 9.98 -15.59
CA SER A 100 18.51 8.81 -16.15
C SER A 100 18.66 7.59 -15.25
N ILE A 101 19.89 7.27 -14.84
CA ILE A 101 20.13 6.08 -14.01
C ILE A 101 19.49 6.25 -12.63
N VAL A 102 19.56 7.46 -12.07
CA VAL A 102 19.02 7.72 -10.74
C VAL A 102 17.50 7.62 -10.75
N VAL A 103 16.84 8.24 -11.74
CA VAL A 103 15.39 8.22 -11.80
C VAL A 103 14.88 6.81 -12.13
N GLU A 104 15.64 6.07 -12.96
CA GLU A 104 15.28 4.68 -13.25
C GLU A 104 15.35 3.81 -12.00
N ALA A 105 16.40 3.94 -11.20
CA ALA A 105 16.55 3.12 -10.01
C ALA A 105 15.52 3.48 -8.95
N LEU A 106 15.31 4.79 -8.74
CA LEU A 106 14.36 5.22 -7.72
C LEU A 106 12.91 4.99 -8.15
N GLY A 107 12.68 4.88 -9.46
CA GLY A 107 11.35 4.56 -9.92
C GLY A 107 11.07 3.07 -9.90
N GLY A 108 12.04 2.26 -10.30
CA GLY A 108 11.87 0.82 -10.26
C GLY A 108 11.80 0.29 -8.84
N ALA A 109 12.44 0.98 -7.89
CA ALA A 109 12.34 0.57 -6.50
C ALA A 109 10.98 0.90 -5.90
N GLY A 110 10.26 1.84 -6.51
CA GLY A 110 8.94 2.20 -6.04
C GLY A 110 8.90 3.37 -5.09
N VAL A 111 9.87 4.29 -5.16
CA VAL A 111 9.91 5.41 -4.24
C VAL A 111 8.83 6.42 -4.58
N LYS A 112 8.07 6.83 -3.58
CA LYS A 112 6.99 7.79 -3.74
C LYS A 112 7.53 9.17 -3.38
N ASN A 113 8.18 9.81 -4.36
CA ASN A 113 8.78 11.13 -4.20
C ASN A 113 8.31 11.98 -5.38
N TYR A 114 7.18 12.68 -5.19
CA TYR A 114 6.59 13.44 -6.29
C TYR A 114 7.44 14.64 -6.68
N GLU A 115 8.18 15.21 -5.73
CA GLU A 115 9.04 16.35 -6.03
C GLU A 115 10.18 15.94 -6.95
N LEU A 116 10.78 14.77 -6.69
CA LEU A 116 11.82 14.20 -7.54
C LEU A 116 11.34 13.96 -8.96
N TYR A 117 10.20 13.29 -9.13
CA TYR A 117 9.74 12.95 -10.47
C TYR A 117 9.22 14.18 -11.21
N ASN A 118 8.63 15.14 -10.49
CA ASN A 118 8.19 16.37 -11.14
C ASN A 118 9.38 17.19 -11.63
N LYS A 119 10.41 17.33 -10.79
CA LYS A 119 11.59 18.09 -11.19
C LYS A 119 12.37 17.38 -12.28
N ALA A 120 12.41 16.04 -12.24
CA ALA A 120 13.12 15.29 -13.26
C ALA A 120 12.40 15.33 -14.60
N SER A 121 11.06 15.23 -14.57
CA SER A 121 10.29 15.32 -15.80
C SER A 121 10.35 16.74 -16.37
N ALA A 122 10.41 17.75 -15.50
CA ALA A 122 10.59 19.12 -15.96
C ALA A 122 11.94 19.32 -16.61
N VAL A 123 12.99 18.70 -16.06
CA VAL A 123 14.33 18.75 -16.66
C VAL A 123 14.33 18.06 -18.03
N VAL A 124 13.66 16.91 -18.13
CA VAL A 124 13.73 16.14 -19.38
C VAL A 124 12.90 16.80 -20.48
N VAL A 125 11.69 17.27 -20.17
CA VAL A 125 10.88 17.89 -21.22
C VAL A 125 11.29 19.34 -21.45
N SER A 126 12.11 19.91 -20.55
CA SER A 126 12.62 21.25 -20.79
C SER A 126 13.70 21.24 -21.85
N LYS A 127 14.63 20.29 -21.76
CA LYS A 127 15.67 20.11 -22.77
C LYS A 127 15.63 18.67 -23.26
N ILE A 128 14.78 18.42 -24.25
CA ILE A 128 14.57 17.05 -24.73
C ILE A 128 15.63 16.69 -25.76
N GLY A 129 16.30 17.70 -26.32
CA GLY A 129 17.38 17.44 -27.26
C GLY A 129 18.67 17.01 -26.61
N GLU A 130 18.86 17.35 -25.34
CA GLU A 130 20.07 16.96 -24.63
C GLU A 130 20.03 15.49 -24.25
N PHE A 131 18.84 14.90 -24.20
CA PHE A 131 18.68 13.51 -23.79
C PHE A 131 18.56 12.60 -25.00
N LYS A 132 19.33 11.52 -25.00
CA LYS A 132 19.24 10.47 -26.00
C LYS A 132 18.23 9.42 -25.55
N PRO A 133 17.61 8.66 -26.50
CA PRO A 133 16.38 7.90 -26.18
C PRO A 133 16.42 6.87 -25.05
N ALA A 134 17.58 6.28 -24.75
CA ALA A 134 17.66 5.36 -23.61
C ALA A 134 17.45 6.12 -22.31
N GLU A 135 17.90 7.37 -22.26
CA GLU A 135 17.77 8.18 -21.05
C GLU A 135 16.34 8.60 -20.81
N ILE A 136 15.60 8.96 -21.88
CA ILE A 136 14.19 9.30 -21.67
C ILE A 136 13.37 8.05 -21.44
N ALA A 137 13.82 6.90 -21.95
CA ALA A 137 13.13 5.64 -21.63
C ALA A 137 13.30 5.31 -20.15
N ARG A 138 14.49 5.53 -19.59
CA ARG A 138 14.71 5.27 -18.18
C ARG A 138 13.96 6.28 -17.30
N VAL A 139 13.88 7.54 -17.74
CA VAL A 139 13.13 8.53 -16.97
C VAL A 139 11.62 8.26 -17.04
N LEU A 140 11.14 7.80 -18.19
CA LEU A 140 9.73 7.43 -18.31
C LEU A 140 9.40 6.20 -17.46
N TYR A 141 10.32 5.24 -17.42
CA TYR A 141 10.16 4.08 -16.56
C TYR A 141 10.23 4.48 -15.09
N GLY A 142 11.02 5.50 -14.76
CA GLY A 142 11.12 5.93 -13.38
C GLY A 142 9.89 6.66 -12.91
N VAL A 143 9.38 7.59 -13.72
CA VAL A 143 8.20 8.34 -13.29
C VAL A 143 6.95 7.51 -13.43
N ALA A 144 6.96 6.48 -14.30
CA ALA A 144 5.79 5.62 -14.44
C ALA A 144 5.66 4.70 -13.23
N PHE A 145 6.75 4.07 -12.83
CA PHE A 145 6.74 3.15 -11.71
C PHE A 145 6.95 3.83 -10.38
N GLY A 146 7.17 5.14 -10.38
CA GLY A 146 7.10 5.92 -9.16
C GLY A 146 5.72 6.44 -8.84
N GLY A 147 4.71 6.08 -9.62
CA GLY A 147 3.35 6.47 -9.33
C GLY A 147 2.92 7.79 -9.91
N VAL A 148 3.65 8.33 -10.88
CA VAL A 148 3.30 9.60 -11.51
C VAL A 148 2.74 9.30 -12.89
N ASN A 149 1.52 9.78 -13.15
CA ASN A 149 0.93 9.66 -14.49
C ASN A 149 1.24 10.93 -15.26
N ASP A 150 2.51 11.06 -15.65
CA ASP A 150 2.99 12.23 -16.37
C ASP A 150 2.78 11.98 -17.86
N VAL A 151 1.79 12.66 -18.44
CA VAL A 151 1.53 12.45 -19.86
C VAL A 151 2.26 13.47 -20.72
N ALA A 152 2.78 14.54 -20.12
CA ALA A 152 3.65 15.45 -20.85
C ALA A 152 4.96 14.78 -21.21
N LEU A 153 5.55 14.05 -20.27
CA LEU A 153 6.76 13.29 -20.55
C LEU A 153 6.47 12.13 -21.48
N ALA A 154 5.28 11.53 -21.39
CA ALA A 154 4.91 10.45 -22.30
C ALA A 154 4.75 10.97 -23.73
N LYS A 155 4.20 12.18 -23.88
CA LYS A 155 4.05 12.77 -25.21
C LYS A 155 5.39 13.17 -25.79
N ALA A 156 6.26 13.77 -24.98
CA ALA A 156 7.60 14.15 -25.44
C ALA A 156 8.43 12.92 -25.81
N ALA A 157 8.33 11.86 -25.00
CA ALA A 157 9.02 10.62 -25.30
C ALA A 157 8.47 9.97 -26.55
N GLY A 158 7.15 10.04 -26.76
CA GLY A 158 6.57 9.49 -27.98
C GLY A 158 6.99 10.25 -29.22
N LYS A 159 7.15 11.57 -29.10
CA LYS A 159 7.70 12.37 -30.20
C LYS A 159 9.14 11.96 -30.52
N VAL A 160 9.96 11.73 -29.50
CA VAL A 160 11.35 11.34 -29.74
C VAL A 160 11.42 9.92 -30.31
N PHE A 161 10.57 9.01 -29.82
CA PHE A 161 10.61 7.63 -30.29
C PHE A 161 10.04 7.52 -31.69
N ALA A 162 9.15 8.44 -32.08
CA ALA A 162 8.72 8.49 -33.47
C ALA A 162 9.77 9.15 -34.36
N SER A 163 10.59 10.05 -33.80
CA SER A 163 11.57 10.75 -34.61
C SER A 163 12.90 10.00 -34.69
N THR A 164 13.31 9.36 -33.60
CA THR A 164 14.64 8.76 -33.49
C THR A 164 14.51 7.25 -33.37
N GLU A 165 15.35 6.51 -34.10
CA GLU A 165 15.37 5.06 -33.99
C GLU A 165 16.00 4.63 -32.67
N VAL A 166 15.42 3.63 -32.02
CA VAL A 166 15.80 3.24 -30.68
C VAL A 166 16.27 1.80 -30.66
N ASP A 167 17.01 1.45 -29.61
CA ASP A 167 17.44 0.09 -29.36
C ASP A 167 16.25 -0.72 -28.85
N SER A 168 16.33 -2.05 -28.97
CA SER A 168 15.25 -2.92 -28.54
C SER A 168 15.09 -2.90 -27.02
N ARG A 169 16.20 -2.74 -26.28
CA ARG A 169 16.11 -2.62 -24.83
C ARG A 169 15.46 -1.31 -24.42
N THR A 170 15.81 -0.22 -25.11
CA THR A 170 15.18 1.08 -24.93
C THR A 170 13.68 1.01 -25.21
N ALA A 171 13.31 0.34 -26.30
CA ALA A 171 11.90 0.24 -26.66
C ALA A 171 11.14 -0.65 -25.69
N ALA A 172 11.77 -1.71 -25.19
CA ALA A 172 11.11 -2.58 -24.23
C ALA A 172 10.89 -1.86 -22.90
N GLN A 173 11.87 -1.07 -22.48
CA GLN A 173 11.72 -0.27 -21.26
C GLN A 173 10.62 0.78 -21.43
N ALA A 174 10.57 1.42 -22.60
CA ALA A 174 9.54 2.42 -22.87
C ALA A 174 8.15 1.78 -22.96
N LEU A 175 8.07 0.58 -23.52
CA LEU A 175 6.79 -0.12 -23.60
C LEU A 175 6.32 -0.55 -22.22
N TYR A 176 7.24 -0.99 -21.36
CA TYR A 176 6.90 -1.35 -19.99
C TYR A 176 6.40 -0.14 -19.21
N ALA A 177 7.04 1.02 -19.41
CA ALA A 177 6.58 2.26 -18.81
C ALA A 177 5.20 2.67 -19.31
N LEU A 178 4.97 2.58 -20.63
CA LEU A 178 3.69 2.96 -21.19
C LEU A 178 2.60 1.96 -20.83
N ALA A 179 2.97 0.73 -20.52
CA ALA A 179 1.98 -0.26 -20.10
C ALA A 179 1.59 -0.08 -18.65
N LYS A 180 2.51 0.40 -17.81
CA LYS A 180 2.09 0.77 -16.47
C LYS A 180 1.27 2.05 -16.48
N LEU A 181 1.64 3.00 -17.34
CA LEU A 181 0.88 4.24 -17.45
C LEU A 181 -0.50 4.02 -18.06
N GLY A 182 -0.69 2.89 -18.75
CA GLY A 182 -1.95 2.63 -19.40
C GLY A 182 -2.19 3.50 -20.60
N ARG A 183 -1.19 3.66 -21.45
CA ARG A 183 -1.27 4.54 -22.60
C ARG A 183 -1.13 3.72 -23.87
N ALA A 184 -2.25 3.36 -24.47
CA ALA A 184 -2.25 2.55 -25.70
C ALA A 184 -2.25 3.44 -26.93
N ASP A 185 -1.19 4.25 -27.04
CA ASP A 185 -0.97 5.05 -28.23
C ASP A 185 -0.60 4.15 -29.39
N LYS A 186 -1.04 4.49 -30.59
CA LYS A 186 -0.61 3.72 -31.76
C LYS A 186 0.53 4.39 -32.50
N ALA A 187 0.78 5.67 -32.23
CA ALA A 187 1.91 6.36 -32.84
C ALA A 187 3.24 5.93 -32.22
N THR A 188 3.25 5.75 -30.89
CA THR A 188 4.51 5.46 -30.20
C THR A 188 4.83 3.96 -30.22
N VAL A 189 3.82 3.13 -29.94
CA VAL A 189 4.03 1.69 -29.82
C VAL A 189 4.39 1.08 -31.18
N ASP A 190 3.92 1.68 -32.28
CA ASP A 190 4.30 1.19 -33.61
C ASP A 190 5.77 1.43 -33.89
N ALA A 191 6.31 2.58 -33.45
CA ALA A 191 7.74 2.84 -33.59
C ALA A 191 8.56 1.92 -32.69
N LEU A 192 8.09 1.71 -31.46
CA LEU A 192 8.83 0.86 -30.53
C LEU A 192 8.76 -0.61 -30.95
N LEU A 193 7.76 -0.97 -31.75
CA LEU A 193 7.67 -2.35 -32.24
C LEU A 193 8.45 -2.52 -33.55
N LYS A 194 8.54 -1.46 -34.35
CA LYS A 194 9.36 -1.53 -35.56
C LYS A 194 10.85 -1.47 -35.22
N SER A 195 11.19 -1.03 -34.01
CA SER A 195 12.56 -1.16 -33.54
C SER A 195 12.89 -2.61 -33.17
N PHE A 196 11.87 -3.43 -32.93
CA PHE A 196 12.06 -4.85 -32.59
C PHE A 196 12.19 -5.71 -33.85
N LYS A 197 13.15 -5.33 -34.71
CA LYS A 197 13.48 -6.10 -35.90
C LYS A 197 14.94 -6.48 -35.97
N LYS A 198 15.82 -5.82 -35.22
CA LYS A 198 17.25 -6.09 -35.21
C LYS A 198 17.63 -7.14 -34.18
N GLY A 199 16.69 -7.92 -33.68
CA GLY A 199 16.96 -8.88 -32.62
C GLY A 199 16.90 -8.24 -31.25
N THR A 200 16.97 -9.11 -30.24
CA THR A 200 16.90 -8.68 -28.84
C THR A 200 18.23 -8.98 -28.16
N GLU A 201 18.77 -8.00 -27.46
CA GLU A 201 20.03 -8.20 -26.75
C GLU A 201 19.85 -9.10 -25.53
N SER A 202 18.67 -9.08 -24.92
CA SER A 202 18.36 -9.92 -23.78
C SER A 202 16.93 -10.45 -23.92
N ALA A 203 16.70 -11.63 -23.36
CA ALA A 203 15.35 -12.20 -23.36
C ALA A 203 14.40 -11.45 -22.46
N SER A 204 14.91 -10.73 -21.46
CA SER A 204 14.04 -9.93 -20.60
C SER A 204 13.45 -8.75 -21.36
N ASP A 205 14.14 -8.28 -22.41
CA ASP A 205 13.58 -7.25 -23.27
C ASP A 205 12.37 -7.75 -24.05
N ALA A 206 12.50 -8.95 -24.63
CA ALA A 206 11.38 -9.53 -25.37
C ALA A 206 10.23 -9.90 -24.43
N ALA A 207 10.56 -10.35 -23.22
CA ALA A 207 9.53 -10.71 -22.25
C ALA A 207 8.78 -9.47 -21.75
N ALA A 208 9.51 -8.38 -21.49
CA ALA A 208 8.87 -7.15 -21.06
C ALA A 208 8.06 -6.51 -22.17
N ALA A 209 8.54 -6.61 -23.41
CA ALA A 209 7.78 -6.08 -24.54
C ALA A 209 6.52 -6.90 -24.77
N SER A 210 6.58 -8.22 -24.58
CA SER A 210 5.40 -9.05 -24.76
C SER A 210 4.37 -8.78 -23.67
N PHE A 211 4.82 -8.63 -22.42
CA PHE A 211 3.92 -8.26 -21.32
C PHE A 211 3.32 -6.88 -21.55
N ALA A 212 4.09 -5.96 -22.10
CA ALA A 212 3.59 -4.60 -22.33
C ALA A 212 2.63 -4.54 -23.50
N LEU A 213 2.81 -5.40 -24.50
CA LEU A 213 1.84 -5.49 -25.58
C LEU A 213 0.57 -6.15 -25.10
N GLY A 214 0.68 -7.17 -24.24
CA GLY A 214 -0.51 -7.83 -23.73
C GLY A 214 -1.31 -6.95 -22.78
N SER A 215 -0.62 -6.06 -22.06
CA SER A 215 -1.32 -5.18 -21.13
C SER A 215 -2.10 -4.09 -21.86
N LEU A 216 -1.53 -3.56 -22.95
CA LEU A 216 -2.16 -2.48 -23.70
C LEU A 216 -3.05 -2.99 -24.82
N SER A 217 -3.33 -4.30 -24.86
CA SER A 217 -4.25 -4.94 -25.81
C SER A 217 -3.82 -4.76 -27.27
N PHE A 218 -2.51 -4.78 -27.50
CA PHE A 218 -1.99 -4.87 -28.85
C PHE A 218 -1.81 -6.34 -29.22
N LYS A 219 -1.52 -6.58 -30.49
CA LYS A 219 -1.24 -7.94 -30.94
C LYS A 219 0.27 -8.18 -30.97
N ALA A 220 0.65 -9.46 -30.83
CA ALA A 220 2.05 -9.81 -30.64
C ALA A 220 2.84 -9.65 -31.92
N GLU A 221 4.10 -9.23 -31.77
CA GLU A 221 5.03 -9.24 -32.89
C GLU A 221 5.59 -10.65 -33.07
N LYS A 222 5.91 -11.00 -34.32
CA LYS A 222 6.48 -12.32 -34.56
C LYS A 222 7.93 -12.38 -34.12
N ALA A 223 8.64 -11.26 -34.19
CA ALA A 223 10.03 -11.22 -33.76
C ALA A 223 10.13 -11.35 -32.25
N ILE A 224 9.18 -10.76 -31.51
CA ILE A 224 9.21 -10.81 -30.06
C ILE A 224 8.90 -12.23 -29.57
N VAL A 225 7.90 -12.87 -30.18
CA VAL A 225 7.55 -14.24 -29.76
C VAL A 225 8.62 -15.22 -30.23
N ASP A 226 9.32 -14.90 -31.31
CA ASP A 226 10.42 -15.77 -31.75
C ASP A 226 11.63 -15.63 -30.84
N ALA A 227 11.92 -14.41 -30.39
CA ALA A 227 13.01 -14.20 -29.44
C ALA A 227 12.68 -14.78 -28.07
N LEU A 228 11.39 -14.83 -27.73
CA LEU A 228 10.98 -15.49 -26.49
C LEU A 228 11.07 -17.00 -26.61
N LYS A 229 10.77 -17.53 -27.80
CA LYS A 229 10.90 -18.97 -28.02
C LYS A 229 12.37 -19.39 -28.04
N ALA A 230 13.25 -18.51 -28.51
CA ALA A 230 14.65 -18.88 -28.67
C ALA A 230 15.38 -18.98 -27.33
N SER A 231 15.09 -18.06 -26.41
CA SER A 231 15.88 -17.89 -25.19
C SER A 231 14.95 -17.77 -23.98
N ALA A 232 14.00 -18.70 -23.86
CA ALA A 232 13.06 -18.67 -22.75
C ALA A 232 13.74 -19.02 -21.43
N GLY A 233 14.84 -19.77 -21.48
CA GLY A 233 15.56 -20.14 -20.27
C GLY A 233 16.34 -19.03 -19.62
N ASP A 234 16.47 -17.87 -20.28
CA ASP A 234 17.20 -16.75 -19.70
C ASP A 234 16.36 -15.98 -18.70
N LEU A 235 15.08 -16.35 -18.57
CA LEU A 235 14.14 -15.64 -17.72
C LEU A 235 13.98 -16.31 -16.37
N ALA A 236 13.65 -15.49 -15.37
CA ALA A 236 13.17 -15.99 -14.09
C ALA A 236 11.76 -16.56 -14.27
N PRO A 237 11.29 -17.41 -13.34
CA PRO A 237 9.90 -17.91 -13.43
C PRO A 237 8.83 -16.83 -13.39
N ALA A 238 9.04 -15.74 -12.64
CA ALA A 238 8.07 -14.65 -12.66
C ALA A 238 8.13 -13.89 -13.98
N GLN A 239 9.33 -13.74 -14.54
CA GLN A 239 9.47 -13.11 -15.84
C GLN A 239 8.91 -14.00 -16.94
N ALA A 240 9.03 -15.32 -16.79
CA ALA A 240 8.43 -16.24 -17.74
C ALA A 240 6.90 -16.21 -17.65
N VAL A 241 6.38 -16.06 -16.43
CA VAL A 241 4.94 -15.86 -16.22
C VAL A 241 4.46 -14.61 -16.93
N GLU A 242 5.17 -13.49 -16.77
CA GLU A 242 4.70 -12.25 -17.38
C GLU A 242 4.87 -12.28 -18.89
N ALA A 243 5.87 -13.02 -19.38
CA ALA A 243 6.05 -13.20 -20.82
C ALA A 243 4.90 -14.00 -21.43
N ALA A 244 4.59 -15.15 -20.84
CA ALA A 244 3.51 -15.99 -21.34
C ALA A 244 2.16 -15.31 -21.16
N TYR A 245 2.01 -14.52 -20.09
CA TYR A 245 0.78 -13.79 -19.85
C TYR A 245 0.56 -12.69 -20.88
N GLY A 246 1.61 -11.94 -21.20
CA GLY A 246 1.48 -10.92 -22.24
C GLY A 246 1.32 -11.51 -23.62
N LEU A 247 1.91 -12.69 -23.86
CA LEU A 247 1.72 -13.36 -25.14
C LEU A 247 0.30 -13.87 -25.30
N ALA A 248 -0.29 -14.40 -24.22
CA ALA A 248 -1.66 -14.89 -24.30
C ALA A 248 -2.64 -13.72 -24.37
N LEU A 249 -2.32 -12.60 -23.73
CA LEU A 249 -3.21 -11.45 -23.78
C LEU A 249 -3.12 -10.76 -25.13
N SER A 250 -1.96 -10.85 -25.78
CA SER A 250 -1.80 -10.23 -27.08
C SER A 250 -2.44 -11.08 -28.18
N GLY A 251 -2.65 -12.36 -27.92
CA GLY A 251 -3.32 -13.23 -28.85
C GLY A 251 -2.42 -14.08 -29.72
N ALA A 252 -1.19 -14.34 -29.29
CA ALA A 252 -0.28 -15.17 -30.06
C ALA A 252 -0.69 -16.64 -29.97
N THR A 253 -0.53 -17.36 -31.08
CA THR A 253 -0.90 -18.76 -31.17
C THR A 253 0.31 -19.67 -31.30
N ASP A 254 1.50 -19.17 -30.97
CA ASP A 254 2.75 -19.92 -31.13
C ASP A 254 2.83 -20.89 -29.94
N ALA A 255 2.55 -22.16 -30.20
CA ALA A 255 2.52 -23.14 -29.12
C ALA A 255 3.92 -23.51 -28.64
N GLU A 256 4.93 -23.26 -29.48
CA GLU A 256 6.30 -23.60 -29.10
C GLU A 256 6.86 -22.62 -28.08
N ALA A 257 6.51 -21.34 -28.21
CA ALA A 257 6.94 -20.34 -27.24
C ALA A 257 6.26 -20.55 -25.90
N PHE A 258 4.97 -20.89 -25.92
CA PHE A 258 4.26 -21.20 -24.69
C PHE A 258 4.78 -22.49 -24.06
N LYS A 259 5.17 -23.46 -24.90
CA LYS A 259 5.78 -24.68 -24.42
C LYS A 259 7.11 -24.41 -23.73
N ALA A 260 7.92 -23.53 -24.31
CA ALA A 260 9.22 -23.18 -23.73
C ALA A 260 9.05 -22.41 -22.43
N LEU A 261 8.13 -21.44 -22.40
CA LEU A 261 7.92 -20.62 -21.21
C LEU A 261 7.32 -21.45 -20.07
N PHE A 262 6.41 -22.37 -20.40
CA PHE A 262 5.83 -23.21 -19.36
C PHE A 262 6.82 -24.26 -18.89
N GLY A 263 7.72 -24.71 -19.77
CA GLY A 263 8.77 -25.60 -19.33
C GLY A 263 9.84 -24.89 -18.52
N VAL A 264 9.91 -23.57 -18.63
CA VAL A 264 10.76 -22.78 -17.72
C VAL A 264 10.09 -22.66 -16.35
N VAL A 265 8.80 -22.31 -16.33
CA VAL A 265 8.19 -21.88 -15.07
C VAL A 265 7.64 -23.07 -14.28
N ALA A 266 7.21 -24.13 -14.95
CA ALA A 266 6.54 -25.25 -14.30
C ALA A 266 7.42 -26.10 -13.36
N PRO A 267 8.71 -26.37 -13.63
CA PRO A 267 9.50 -27.02 -12.57
C PRO A 267 9.80 -26.13 -11.38
N ALA A 268 9.71 -24.80 -11.55
CA ALA A 268 9.94 -23.90 -10.42
C ALA A 268 8.79 -23.98 -9.42
N ILE A 269 7.58 -24.24 -9.90
CA ILE A 269 6.45 -24.43 -9.00
C ILE A 269 6.47 -25.83 -8.39
N GLU A 270 7.02 -26.80 -9.12
CA GLU A 270 7.14 -28.15 -8.58
C GLU A 270 8.21 -28.22 -7.49
N LYS A 271 9.29 -27.45 -7.63
CA LYS A 271 10.27 -27.36 -6.55
C LYS A 271 9.71 -26.56 -5.38
N ALA A 272 9.16 -25.39 -5.65
CA ALA A 272 8.59 -24.54 -4.61
C ALA A 272 7.29 -23.91 -5.12
N PRO A 273 6.13 -24.38 -4.66
CA PRO A 273 4.86 -23.78 -5.09
C PRO A 273 4.66 -22.39 -4.50
N ASP A 274 5.24 -22.19 -3.33
CA ASP A 274 5.11 -20.94 -2.59
C ASP A 274 6.14 -19.89 -2.97
N ALA A 275 6.92 -20.12 -4.03
CA ALA A 275 7.97 -19.17 -4.41
C ALA A 275 7.38 -17.96 -5.12
N LEU A 276 6.46 -18.20 -6.06
CA LEU A 276 5.86 -17.10 -6.81
C LEU A 276 4.70 -16.49 -6.05
N GLU A 277 4.38 -15.26 -6.40
CA GLU A 277 3.22 -14.59 -5.85
C GLU A 277 1.95 -15.18 -6.44
N VAL A 278 0.83 -14.97 -5.74
CA VAL A 278 -0.45 -15.54 -6.19
C VAL A 278 -0.95 -14.80 -7.42
N SER A 279 -0.57 -13.54 -7.58
CA SER A 279 -0.87 -12.82 -8.82
C SER A 279 -0.13 -13.41 -10.01
N SER A 280 1.10 -13.89 -9.78
CA SER A 280 1.84 -14.56 -10.85
C SER A 280 1.24 -15.91 -11.19
N LEU A 281 0.77 -16.66 -10.20
CA LEU A 281 0.14 -17.94 -10.50
C LEU A 281 -1.20 -17.74 -11.20
N ALA A 282 -1.91 -16.66 -10.88
CA ALA A 282 -3.12 -16.31 -11.62
C ALA A 282 -2.81 -15.91 -13.05
N GLN A 283 -1.72 -15.17 -13.26
CA GLN A 283 -1.30 -14.83 -14.61
C GLN A 283 -0.89 -16.06 -15.40
N LEU A 284 -0.29 -17.04 -14.72
CA LEU A 284 0.05 -18.30 -15.37
C LEU A 284 -1.20 -19.08 -15.74
N HIS A 285 -2.23 -19.06 -14.89
CA HIS A 285 -3.48 -19.72 -15.25
C HIS A 285 -4.17 -19.03 -16.41
N VAL A 286 -4.09 -17.70 -16.48
CA VAL A 286 -4.61 -16.96 -17.62
C VAL A 286 -3.89 -17.35 -18.90
N ALA A 287 -2.56 -17.45 -18.83
CA ALA A 287 -1.76 -17.81 -20.00
C ALA A 287 -2.04 -19.24 -20.46
N SER A 288 -2.14 -20.16 -19.50
CA SER A 288 -2.44 -21.56 -19.80
C SER A 288 -3.86 -21.72 -20.35
N THR A 289 -4.79 -20.88 -19.92
CA THR A 289 -6.16 -20.98 -20.39
C THR A 289 -6.30 -20.41 -21.80
N ILE A 290 -5.78 -19.21 -22.03
CA ILE A 290 -5.96 -18.55 -23.32
C ILE A 290 -5.12 -19.21 -24.40
N SER A 291 -3.87 -19.58 -24.07
CA SER A 291 -3.01 -20.21 -25.06
C SER A 291 -3.45 -21.64 -25.37
N GLY A 292 -3.97 -22.35 -24.37
CA GLY A 292 -4.32 -23.73 -24.51
C GLY A 292 -3.18 -24.70 -24.31
N ALA A 293 -1.96 -24.21 -24.15
CA ALA A 293 -0.82 -25.09 -23.89
C ALA A 293 -0.92 -25.65 -22.48
N LYS A 294 -0.59 -26.93 -22.35
CA LYS A 294 -0.82 -27.64 -21.10
C LYS A 294 0.25 -27.30 -20.07
N LEU A 295 0.00 -27.76 -18.85
CA LEU A 295 0.91 -27.71 -17.72
C LEU A 295 0.90 -29.09 -17.09
N PRO A 296 1.77 -29.40 -16.13
CA PRO A 296 1.52 -30.56 -15.27
C PRO A 296 0.19 -30.42 -14.52
N ALA A 297 -0.42 -31.57 -14.20
CA ALA A 297 -1.78 -31.59 -13.68
C ALA A 297 -1.89 -30.96 -12.30
N ALA A 298 -0.91 -31.24 -11.43
CA ALA A 298 -0.85 -30.59 -10.13
C ALA A 298 -0.61 -29.09 -10.28
N VAL A 299 0.25 -28.71 -11.22
CA VAL A 299 0.53 -27.30 -11.48
C VAL A 299 -0.70 -26.61 -12.07
N GLY A 300 -1.43 -27.29 -12.95
CA GLY A 300 -2.62 -26.69 -13.55
C GLY A 300 -3.75 -26.51 -12.55
N SER A 301 -3.99 -27.51 -11.70
CA SER A 301 -4.99 -27.36 -10.65
C SER A 301 -4.57 -26.31 -9.62
N PHE A 302 -3.27 -26.21 -9.35
CA PHE A 302 -2.76 -25.23 -8.40
C PHE A 302 -2.92 -23.81 -8.94
N VAL A 303 -2.66 -23.59 -10.22
CA VAL A 303 -2.81 -22.24 -10.75
C VAL A 303 -4.28 -21.90 -10.96
N ALA A 304 -5.14 -22.91 -11.13
CA ALA A 304 -6.57 -22.65 -11.15
C ALA A 304 -7.07 -22.18 -9.79
N LYS A 305 -6.65 -22.87 -8.72
CA LYS A 305 -7.02 -22.46 -7.38
C LYS A 305 -6.41 -21.10 -7.02
N ALA A 306 -5.22 -20.81 -7.54
CA ALA A 306 -4.59 -19.53 -7.25
C ALA A 306 -5.21 -18.40 -8.04
N PHE A 307 -5.75 -18.69 -9.23
CA PHE A 307 -6.54 -17.68 -9.94
C PHE A 307 -7.81 -17.36 -9.17
N GLY A 308 -8.46 -18.38 -8.63
CA GLY A 308 -9.63 -18.15 -7.79
C GLY A 308 -9.30 -17.30 -6.57
N LEU A 309 -8.15 -17.59 -5.96
CA LEU A 309 -7.68 -16.80 -4.82
C LEU A 309 -7.40 -15.35 -5.20
N ALA A 310 -6.77 -15.12 -6.36
CA ALA A 310 -6.40 -13.76 -6.74
C ALA A 310 -7.62 -12.95 -7.14
N ALA A 311 -8.61 -13.58 -7.77
CA ALA A 311 -9.86 -12.89 -8.08
C ALA A 311 -10.63 -12.55 -6.81
N ASP A 312 -10.65 -13.46 -5.83
CA ASP A 312 -11.30 -13.18 -4.55
C ASP A 312 -10.58 -12.08 -3.79
N ALA A 313 -9.24 -12.04 -3.87
CA ALA A 313 -8.49 -11.02 -3.16
C ALA A 313 -8.65 -9.66 -3.82
N ALA A 314 -8.79 -9.64 -5.14
CA ALA A 314 -9.07 -8.38 -5.81
C ALA A 314 -10.50 -7.92 -5.58
N ARG A 315 -11.41 -8.85 -5.25
CA ARG A 315 -12.77 -8.45 -4.93
C ARG A 315 -12.90 -7.96 -3.48
N LEU A 316 -12.14 -8.54 -2.56
CA LEU A 316 -12.22 -8.13 -1.16
C LEU A 316 -11.63 -6.74 -0.94
N LYS A 317 -10.45 -6.49 -1.51
CA LYS A 317 -9.78 -5.21 -1.39
C LYS A 317 -10.12 -4.28 -2.55
N ARG A 318 -11.34 -4.39 -3.06
CA ARG A 318 -11.84 -3.58 -4.16
C ARG A 318 -11.99 -2.12 -3.73
N SER A 319 -11.75 -1.21 -4.67
CA SER A 319 -12.05 0.20 -4.47
C SER A 319 -13.55 0.42 -4.26
N SER A 320 -13.88 1.52 -3.59
CA SER A 320 -15.28 1.79 -3.28
C SER A 320 -16.04 2.32 -4.48
N ALA A 321 -15.34 3.00 -5.39
CA ALA A 321 -15.96 3.44 -6.64
C ALA A 321 -16.28 2.25 -7.52
N GLU A 322 -15.43 1.22 -7.49
CA GLU A 322 -15.72 0.00 -8.24
C GLU A 322 -16.87 -0.76 -7.59
N SER A 323 -17.00 -0.70 -6.26
CA SER A 323 -18.15 -1.31 -5.60
C SER A 323 -19.44 -0.60 -5.96
N ALA A 324 -19.40 0.74 -6.04
CA ALA A 324 -20.57 1.49 -6.45
C ALA A 324 -20.92 1.24 -7.90
N LEU A 325 -19.91 1.07 -8.76
CA LEU A 325 -20.16 0.76 -10.16
C LEU A 325 -20.74 -0.65 -10.32
N VAL A 326 -20.26 -1.61 -9.53
CA VAL A 326 -20.78 -2.97 -9.60
C VAL A 326 -22.23 -3.00 -9.10
N ALA A 327 -22.53 -2.22 -8.06
CA ALA A 327 -23.91 -2.12 -7.59
C ALA A 327 -24.81 -1.45 -8.62
N ASP A 328 -24.31 -0.42 -9.32
CA ASP A 328 -25.09 0.25 -10.35
C ASP A 328 -25.34 -0.66 -11.54
N VAL A 329 -24.32 -1.40 -11.97
CA VAL A 329 -24.45 -2.29 -13.12
C VAL A 329 -25.35 -3.48 -12.76
N ALA A 330 -25.31 -3.92 -11.50
CA ALA A 330 -26.21 -4.99 -11.07
C ALA A 330 -27.65 -4.51 -10.98
N ALA A 331 -27.87 -3.25 -10.57
CA ALA A 331 -29.22 -2.70 -10.55
C ALA A 331 -29.75 -2.52 -11.97
N ALA A 332 -28.89 -2.09 -12.90
CA ALA A 332 -29.32 -1.97 -14.29
C ALA A 332 -29.57 -3.33 -14.93
N THR A 333 -28.83 -4.35 -14.49
CA THR A 333 -29.08 -5.72 -14.94
C THR A 333 -30.39 -6.25 -14.40
N ALA A 334 -30.72 -5.90 -13.15
CA ALA A 334 -31.99 -6.32 -12.58
C ALA A 334 -33.16 -5.63 -13.26
N VAL A 335 -33.00 -4.34 -13.59
CA VAL A 335 -34.07 -3.60 -14.27
C VAL A 335 -34.22 -4.10 -15.70
N ALA A 336 -33.12 -4.48 -16.34
CA ALA A 336 -33.18 -4.98 -17.71
C ALA A 336 -33.82 -6.35 -17.81
N PHE A 337 -33.87 -7.09 -16.69
CA PHE A 337 -34.48 -8.41 -16.67
C PHE A 337 -35.85 -8.42 -16.01
N GLY A 338 -36.55 -7.29 -15.98
CA GLY A 338 -37.93 -7.29 -15.53
C GLY A 338 -38.13 -7.03 -14.05
N ALA A 339 -37.59 -5.92 -13.55
CA ALA A 339 -37.80 -5.51 -12.16
C ALA A 339 -37.98 -4.01 -12.15
N GLN A 340 -39.22 -3.56 -11.91
CA GLN A 340 -39.56 -2.14 -11.92
C GLN A 340 -39.81 -1.59 -10.52
N TYR A 341 -39.77 -2.44 -9.49
CA TYR A 341 -39.97 -2.01 -8.11
C TYR A 341 -38.72 -2.34 -7.30
N ARG A 342 -38.40 -1.45 -6.35
CA ARG A 342 -37.19 -1.51 -5.53
C ARG A 342 -36.97 -2.80 -4.73
N PRO A 343 -37.99 -3.44 -4.12
CA PRO A 343 -37.70 -4.77 -3.51
C PRO A 343 -37.38 -5.85 -4.53
N GLU A 344 -38.01 -5.81 -5.71
CA GLU A 344 -37.67 -6.75 -6.76
C GLU A 344 -36.26 -6.52 -7.28
N VAL A 345 -35.87 -5.25 -7.41
CA VAL A 345 -34.51 -4.91 -7.85
C VAL A 345 -33.48 -5.38 -6.83
N ALA A 346 -33.75 -5.14 -5.54
CA ALA A 346 -32.82 -5.56 -4.50
C ALA A 346 -32.73 -7.09 -4.40
N SER A 347 -33.85 -7.78 -4.56
CA SER A 347 -33.84 -9.24 -4.51
C SER A 347 -33.11 -9.83 -5.70
N ALA A 348 -33.28 -9.24 -6.89
CA ALA A 348 -32.56 -9.73 -8.06
C ALA A 348 -31.07 -9.45 -7.96
N VAL A 349 -30.70 -8.28 -7.42
CA VAL A 349 -29.29 -7.92 -7.26
C VAL A 349 -28.62 -8.85 -6.25
N ALA A 350 -29.33 -9.19 -5.17
CA ALA A 350 -28.79 -10.16 -4.22
C ALA A 350 -28.77 -11.58 -4.79
N SER A 351 -29.66 -11.87 -5.75
CA SER A 351 -29.66 -13.20 -6.34
C SER A 351 -28.57 -13.35 -7.38
N TYR A 352 -28.06 -12.24 -7.91
CA TYR A 352 -27.05 -12.32 -8.96
C TYR A 352 -25.69 -12.72 -8.41
N VAL A 353 -25.48 -12.56 -7.10
CA VAL A 353 -24.20 -12.93 -6.50
C VAL A 353 -24.10 -14.44 -6.41
N LYS A 354 -23.18 -15.01 -7.19
CA LYS A 354 -23.06 -16.46 -7.27
C LYS A 354 -21.60 -16.86 -7.11
N THR A 355 -21.40 -18.13 -6.79
CA THR A 355 -20.07 -18.69 -6.59
C THR A 355 -19.56 -19.28 -7.90
N ALA A 356 -18.34 -18.91 -8.26
CA ALA A 356 -17.68 -19.46 -9.43
C ALA A 356 -17.25 -20.91 -9.17
N PRO A 357 -16.97 -21.69 -10.23
CA PRO A 357 -16.50 -23.06 -10.01
C PRO A 357 -15.15 -23.18 -9.30
N ASP A 358 -14.26 -22.18 -9.39
CA ASP A 358 -12.97 -22.26 -8.71
C ASP A 358 -13.02 -21.73 -7.29
N GLY A 359 -14.20 -21.44 -6.76
CA GLY A 359 -14.36 -20.97 -5.40
C GLY A 359 -14.51 -19.47 -5.25
N SER A 360 -14.27 -18.71 -6.32
CA SER A 360 -14.39 -17.27 -6.21
C SER A 360 -15.84 -16.83 -6.33
N VAL A 361 -16.07 -15.54 -6.13
CA VAL A 361 -17.41 -14.96 -6.12
C VAL A 361 -17.58 -14.10 -7.36
N LEU A 362 -18.64 -14.37 -8.13
CA LEU A 362 -19.03 -13.55 -9.26
C LEU A 362 -20.15 -12.63 -8.82
N ASP A 363 -20.04 -11.35 -9.16
CA ASP A 363 -21.00 -10.37 -8.66
C ASP A 363 -22.31 -10.44 -9.41
N ILE A 364 -22.28 -10.34 -10.74
CA ILE A 364 -23.48 -10.38 -11.54
C ILE A 364 -23.42 -11.59 -12.46
N ALA A 365 -23.96 -12.71 -12.01
CA ALA A 365 -23.97 -13.96 -12.77
C ALA A 365 -25.40 -14.45 -12.86
N ILE A 366 -25.99 -14.36 -14.05
CA ILE A 366 -27.36 -14.78 -14.29
C ILE A 366 -27.31 -16.12 -15.00
N THR A 367 -28.22 -17.02 -14.62
CA THR A 367 -28.35 -18.32 -15.28
C THR A 367 -29.76 -18.49 -15.80
N LYS A 368 -29.87 -19.06 -17.00
CA LYS A 368 -31.15 -19.41 -17.61
C LYS A 368 -31.02 -20.81 -18.18
N GLY A 369 -31.62 -21.78 -17.50
CA GLY A 369 -31.50 -23.16 -17.93
C GLY A 369 -30.07 -23.64 -17.71
N ASP A 370 -29.36 -23.79 -18.83
CA ASP A 370 -27.94 -24.14 -18.81
C ASP A 370 -27.06 -23.07 -19.41
N ALA A 371 -27.59 -21.88 -19.65
CA ALA A 371 -26.83 -20.78 -20.22
C ALA A 371 -26.47 -19.79 -19.11
N LYS A 372 -25.21 -19.36 -19.09
CA LYS A 372 -24.70 -18.47 -18.05
C LYS A 372 -24.22 -17.17 -18.66
N VAL A 373 -24.56 -16.05 -18.03
CA VAL A 373 -24.11 -14.73 -18.43
C VAL A 373 -23.44 -14.08 -17.23
N LEU A 374 -22.21 -13.62 -17.43
CA LEU A 374 -21.43 -12.95 -16.40
C LEU A 374 -21.30 -11.49 -16.80
N VAL A 375 -22.08 -10.61 -16.19
CA VAL A 375 -21.90 -9.19 -16.45
C VAL A 375 -20.70 -8.69 -15.67
N GLN A 376 -19.72 -8.15 -16.38
CA GLN A 376 -18.47 -7.70 -15.79
C GLN A 376 -18.41 -6.18 -15.87
N ALA A 377 -18.53 -5.54 -14.72
CA ALA A 377 -18.38 -4.09 -14.61
C ALA A 377 -16.89 -3.77 -14.54
N VAL A 378 -16.44 -2.88 -15.41
CA VAL A 378 -15.02 -2.54 -15.53
C VAL A 378 -14.84 -1.13 -15.00
N PRO A 379 -14.08 -0.93 -13.92
CA PRO A 379 -13.87 0.43 -13.39
C PRO A 379 -12.94 1.23 -14.28
N SER A 380 -12.78 2.50 -13.91
CA SER A 380 -11.90 3.39 -14.68
C SER A 380 -10.43 3.09 -14.41
N SER A 381 -10.14 2.37 -13.33
CA SER A 381 -8.77 1.99 -13.05
C SER A 381 -8.29 0.91 -14.03
N LEU A 382 -9.22 0.14 -14.59
CA LEU A 382 -8.85 -0.88 -15.55
C LEU A 382 -9.00 -0.40 -16.99
N LEU A 383 -9.28 0.88 -17.18
CA LEU A 383 -9.39 1.42 -18.53
C LEU A 383 -8.08 2.05 -18.97
N THR A 384 -7.93 2.21 -20.28
CA THR A 384 -6.75 2.86 -20.83
C THR A 384 -6.81 4.36 -20.56
N SER A 385 -5.68 4.93 -20.15
CA SER A 385 -5.68 6.32 -19.69
C SER A 385 -5.76 7.32 -20.85
N THR A 386 -5.61 6.87 -22.09
CA THR A 386 -5.77 7.77 -23.23
C THR A 386 -7.25 8.07 -23.48
N THR A 387 -7.50 9.13 -24.23
CA THR A 387 -8.84 9.63 -24.54
C THR A 387 -9.82 8.68 -25.26
N PRO A 388 -9.40 7.66 -26.04
CA PRO A 388 -10.39 6.64 -26.41
C PRO A 388 -10.92 5.81 -25.24
N ALA A 389 -10.06 5.51 -24.26
CA ALA A 389 -10.39 4.83 -23.01
C ALA A 389 -11.02 3.46 -23.20
N LYS A 390 -10.25 2.51 -23.72
CA LYS A 390 -10.70 1.14 -23.88
C LYS A 390 -10.29 0.35 -22.65
N PRO A 391 -10.92 -0.79 -22.37
CA PRO A 391 -10.44 -1.65 -21.29
C PRO A 391 -9.09 -2.26 -21.63
N LEU A 392 -8.31 -2.56 -20.59
CA LEU A 392 -6.96 -3.08 -20.77
C LEU A 392 -7.00 -4.57 -21.07
N GLY A 393 -5.81 -5.17 -21.15
CA GLY A 393 -5.72 -6.57 -21.52
C GLY A 393 -6.14 -7.50 -20.39
N HIS A 394 -6.08 -7.02 -19.15
CA HIS A 394 -6.48 -7.84 -18.02
C HIS A 394 -7.98 -8.06 -17.98
N VAL A 395 -8.75 -7.13 -18.55
CA VAL A 395 -10.19 -7.29 -18.66
C VAL A 395 -10.54 -8.43 -19.60
N ALA A 396 -9.89 -8.45 -20.78
CA ALA A 396 -10.10 -9.56 -21.72
C ALA A 396 -9.52 -10.85 -21.17
N ALA A 397 -8.49 -10.76 -20.32
CA ALA A 397 -7.96 -11.94 -19.64
C ALA A 397 -9.01 -12.58 -18.72
N TYR A 398 -9.61 -11.76 -17.85
CA TYR A 398 -10.66 -12.24 -16.96
C TYR A 398 -11.87 -12.74 -17.74
N SER A 399 -12.17 -12.08 -18.88
CA SER A 399 -13.27 -12.51 -19.73
C SER A 399 -13.01 -13.88 -20.34
N LYS A 400 -11.80 -14.11 -20.85
CA LYS A 400 -11.48 -15.40 -21.47
C LYS A 400 -11.43 -16.52 -20.45
N VAL A 401 -10.92 -16.24 -19.24
CA VAL A 401 -10.84 -17.29 -18.24
C VAL A 401 -12.22 -17.61 -17.69
N ARG A 402 -13.10 -16.61 -17.57
CA ARG A 402 -14.47 -16.91 -17.17
C ARG A 402 -15.25 -17.59 -18.30
N GLU A 403 -14.87 -17.32 -19.56
CA GLU A 403 -15.49 -18.03 -20.67
C GLU A 403 -15.06 -19.48 -20.72
N ALA A 404 -13.86 -19.78 -20.21
CA ALA A 404 -13.43 -21.18 -20.12
C ALA A 404 -14.19 -21.94 -19.05
N GLN A 405 -14.81 -21.24 -18.10
CA GLN A 405 -15.68 -21.86 -17.11
C GLN A 405 -17.14 -21.88 -17.55
N GLY A 406 -17.42 -21.49 -18.79
CA GLY A 406 -18.78 -21.55 -19.31
C GLY A 406 -19.63 -20.36 -18.94
N TYR A 407 -19.06 -19.17 -18.97
CA TYR A 407 -19.78 -17.94 -18.67
C TYR A 407 -19.64 -17.01 -19.87
N ALA A 408 -20.76 -16.64 -20.48
CA ALA A 408 -20.73 -15.59 -21.49
C ALA A 408 -20.53 -14.25 -20.80
N VAL A 409 -19.41 -13.59 -21.10
CA VAL A 409 -18.99 -12.42 -20.35
C VAL A 409 -19.35 -11.17 -21.13
N ALA A 410 -20.21 -10.34 -20.54
CA ALA A 410 -20.60 -9.05 -21.10
C ALA A 410 -19.82 -7.97 -20.38
N VAL A 411 -19.00 -7.23 -21.12
CA VAL A 411 -18.12 -6.23 -20.53
C VAL A 411 -18.85 -4.89 -20.50
N VAL A 412 -18.98 -4.33 -19.30
CA VAL A 412 -19.60 -3.02 -19.12
C VAL A 412 -18.55 -2.06 -18.56
N PRO A 413 -17.97 -1.19 -19.39
CA PRO A 413 -16.95 -0.27 -18.89
C PRO A 413 -17.55 0.84 -18.05
N ALA A 414 -16.69 1.60 -17.37
CA ALA A 414 -17.18 2.63 -16.46
C ALA A 414 -17.64 3.87 -17.21
N ASN A 415 -16.88 4.28 -18.23
CA ASN A 415 -17.15 5.54 -18.92
C ASN A 415 -18.43 5.45 -19.74
N GLU A 416 -18.63 4.33 -20.44
CA GLU A 416 -19.81 4.15 -21.27
C GLU A 416 -21.06 4.01 -20.42
N PHE A 417 -20.97 3.24 -19.33
CA PHE A 417 -22.13 3.04 -18.46
C PHE A 417 -22.50 4.31 -17.71
N GLU A 418 -21.49 5.04 -17.22
CA GLU A 418 -21.78 6.26 -16.44
C GLU A 418 -22.03 7.45 -17.35
N ALA A 419 -21.89 7.25 -18.67
CA ALA A 419 -22.29 8.30 -19.60
C ALA A 419 -23.80 8.41 -19.72
N LEU A 420 -24.54 7.35 -19.36
CA LEU A 420 -25.98 7.35 -19.53
C LEU A 420 -26.64 8.23 -18.46
N PRO A 421 -27.76 8.90 -18.77
CA PRO A 421 -28.35 9.83 -17.79
C PRO A 421 -29.26 9.19 -16.76
N ASP A 422 -29.92 8.08 -17.09
CA ASP A 422 -30.90 7.48 -16.20
C ASP A 422 -30.78 5.97 -16.16
N GLN A 423 -31.57 5.35 -15.29
CA GLN A 423 -31.44 3.92 -15.05
C GLN A 423 -32.03 3.09 -16.18
N LYS A 424 -33.02 3.63 -16.88
CA LYS A 424 -33.64 2.89 -17.98
C LYS A 424 -32.68 2.77 -19.16
N ALA A 425 -31.93 3.85 -19.44
CA ALA A 425 -30.93 3.80 -20.49
C ALA A 425 -29.76 2.90 -20.11
N LYS A 426 -29.42 2.87 -18.81
CA LYS A 426 -28.38 1.96 -18.34
C LYS A 426 -28.81 0.51 -18.46
N ALA A 427 -30.10 0.23 -18.21
CA ALA A 427 -30.62 -1.11 -18.38
C ALA A 427 -30.66 -1.49 -19.86
N GLN A 428 -30.93 -0.52 -20.74
CA GLN A 428 -30.86 -0.77 -22.17
C GLN A 428 -29.44 -1.08 -22.61
N TYR A 429 -28.44 -0.38 -22.05
CA TYR A 429 -27.04 -0.64 -22.37
C TYR A 429 -26.60 -2.02 -21.90
N VAL A 430 -26.98 -2.39 -20.67
CA VAL A 430 -26.60 -3.69 -20.13
C VAL A 430 -27.30 -4.82 -20.88
N LEU A 431 -28.57 -4.61 -21.26
CA LEU A 431 -29.29 -5.63 -22.02
C LEU A 431 -28.73 -5.77 -23.42
N ALA A 432 -28.31 -4.66 -24.04
CA ALA A 432 -27.68 -4.71 -25.35
C ALA A 432 -26.34 -5.45 -25.28
N ALA A 433 -25.59 -5.26 -24.20
CA ALA A 433 -24.33 -5.97 -24.03
C ALA A 433 -24.55 -7.47 -23.83
N ILE A 434 -25.58 -7.84 -23.05
CA ILE A 434 -25.87 -9.25 -22.80
C ILE A 434 -26.37 -9.92 -24.08
N LYS A 435 -27.22 -9.23 -24.85
CA LYS A 435 -27.70 -9.78 -26.12
C LYS A 435 -26.57 -9.86 -27.15
N LYS A 436 -25.61 -8.94 -27.08
CA LYS A 436 -24.46 -9.01 -27.99
C LYS A 436 -23.56 -10.18 -27.65
N VAL A 437 -23.44 -10.51 -26.37
CA VAL A 437 -22.59 -11.64 -26.01
C VAL A 437 -23.37 -12.95 -26.03
N ALA A 438 -24.56 -12.97 -25.43
CA ALA A 438 -25.36 -14.18 -25.44
C ALA A 438 -26.80 -13.89 -25.86
N PRO A 439 -27.19 -14.23 -27.09
CA PRO A 439 -28.53 -13.86 -27.56
C PRO A 439 -29.65 -14.70 -26.97
N SER A 440 -29.33 -15.78 -26.26
CA SER A 440 -30.36 -16.60 -25.63
C SER A 440 -31.00 -15.90 -24.44
N PHE A 441 -30.33 -14.91 -23.85
CA PHE A 441 -30.86 -14.19 -22.70
C PHE A 441 -31.74 -13.03 -23.15
N ALA B 5 -4.41 -21.42 12.09
CA ALA B 5 -4.56 -21.25 10.65
C ALA B 5 -5.31 -19.98 10.32
N VAL B 6 -5.98 -19.96 9.17
CA VAL B 6 -6.72 -18.80 8.69
C VAL B 6 -8.15 -19.23 8.37
N SER B 7 -9.06 -18.25 8.40
CA SER B 7 -10.46 -18.49 8.11
C SER B 7 -10.82 -18.23 6.65
N LYS B 8 -9.80 -18.20 5.78
CA LYS B 8 -9.81 -18.06 4.31
C LYS B 8 -10.17 -16.64 3.87
N LYS B 9 -10.67 -15.80 4.78
CA LYS B 9 -10.73 -14.37 4.48
C LYS B 9 -9.45 -13.69 4.88
N GLU B 10 -8.82 -14.22 5.95
CA GLU B 10 -7.53 -13.71 6.39
C GLU B 10 -6.45 -13.94 5.35
N VAL B 11 -6.46 -15.10 4.69
CA VAL B 11 -5.43 -15.39 3.70
C VAL B 11 -5.63 -14.53 2.45
N LEU B 12 -6.89 -14.17 2.16
CA LEU B 12 -7.15 -13.28 1.03
C LEU B 12 -6.71 -11.86 1.34
N TYR B 13 -6.81 -11.45 2.61
CA TYR B 13 -6.26 -10.16 2.99
C TYR B 13 -4.73 -10.20 3.09
N PHE B 14 -4.17 -11.39 3.28
CA PHE B 14 -2.72 -11.50 3.43
C PHE B 14 -2.00 -11.86 2.14
N LEU B 15 -2.73 -12.02 1.02
CA LEU B 15 -2.08 -12.34 -0.26
C LEU B 15 -1.20 -11.19 -0.74
N SER B 16 -1.70 -9.96 -0.69
CA SER B 16 -0.94 -8.81 -1.14
C SER B 16 -0.06 -8.21 -0.06
N SER B 17 -0.04 -8.80 1.14
CA SER B 17 0.78 -8.29 2.21
C SER B 17 2.25 -8.64 2.00
N LYS B 18 3.12 -7.91 2.71
CA LYS B 18 4.55 -8.16 2.71
C LYS B 18 5.06 -8.47 4.11
N ASP B 19 4.17 -8.59 5.08
CA ASP B 19 4.55 -8.90 6.44
C ASP B 19 4.97 -10.35 6.55
N ALA B 20 5.80 -10.66 7.55
CA ALA B 20 6.50 -11.94 7.58
C ALA B 20 5.57 -13.11 7.91
N GLU B 21 4.86 -13.03 9.05
CA GLU B 21 4.08 -14.18 9.47
C GLU B 21 2.83 -14.36 8.60
N SER B 22 2.32 -13.27 8.05
CA SER B 22 1.24 -13.37 7.09
C SER B 22 1.72 -14.01 5.79
N SER B 23 2.96 -13.74 5.39
CA SER B 23 3.51 -14.38 4.21
C SER B 23 3.80 -15.86 4.45
N THR B 24 4.19 -16.23 5.67
CA THR B 24 4.38 -17.65 5.96
C THR B 24 3.05 -18.38 6.02
N ALA B 25 1.99 -17.72 6.50
CA ALA B 25 0.66 -18.32 6.48
C ALA B 25 0.16 -18.48 5.05
N VAL B 26 0.41 -17.49 4.20
CA VAL B 26 0.04 -17.59 2.79
C VAL B 26 0.82 -18.69 2.09
N LYS B 27 2.10 -18.83 2.42
CA LYS B 27 2.95 -19.84 1.78
C LYS B 27 2.56 -21.24 2.23
N SER B 28 2.19 -21.41 3.51
CA SER B 28 1.74 -22.70 3.98
C SER B 28 0.36 -23.04 3.40
N TYR B 29 -0.49 -22.03 3.18
CA TYR B 29 -1.76 -22.25 2.51
C TYR B 29 -1.56 -22.68 1.06
N LEU B 30 -0.59 -22.07 0.39
CA LEU B 30 -0.32 -22.44 -1.01
C LEU B 30 0.30 -23.82 -1.11
N LYS B 31 1.14 -24.19 -0.14
CA LYS B 31 1.68 -25.54 -0.11
C LYS B 31 0.58 -26.57 0.19
N SER B 32 -0.38 -26.20 1.03
CA SER B 32 -1.53 -27.06 1.29
C SER B 32 -2.41 -27.21 0.05
N LEU B 33 -2.51 -26.14 -0.75
CA LEU B 33 -3.30 -26.24 -1.98
C LEU B 33 -2.58 -27.06 -3.03
N TYR B 34 -1.25 -26.98 -3.08
CA TYR B 34 -0.49 -27.80 -4.01
C TYR B 34 -0.47 -29.26 -3.58
N ALA B 35 -0.68 -29.51 -2.28
CA ALA B 35 -0.81 -30.88 -1.81
C ALA B 35 -2.11 -31.52 -2.30
N GLY B 36 -3.11 -30.69 -2.64
CA GLY B 36 -4.31 -31.18 -3.25
C GLY B 36 -5.58 -30.89 -2.44
N ALA B 37 -5.50 -29.91 -1.54
CA ALA B 37 -6.64 -29.51 -0.74
C ALA B 37 -7.52 -28.59 -1.56
N GLN B 38 -8.83 -28.76 -1.43
CA GLN B 38 -9.76 -27.91 -2.17
C GLN B 38 -9.87 -26.54 -1.50
N VAL B 39 -9.95 -25.51 -2.33
CA VAL B 39 -10.11 -24.15 -1.82
C VAL B 39 -11.56 -23.97 -1.34
N GLU B 40 -11.72 -23.45 -0.14
CA GLU B 40 -13.03 -23.24 0.44
C GLU B 40 -13.78 -22.16 -0.33
N ALA B 41 -15.08 -22.37 -0.54
CA ALA B 41 -15.89 -21.41 -1.26
C ALA B 41 -16.05 -20.14 -0.43
N THR B 42 -15.80 -19.00 -1.06
CA THR B 42 -15.90 -17.71 -0.39
C THR B 42 -17.37 -17.37 -0.14
N GLU B 43 -17.66 -16.82 1.03
CA GLU B 43 -19.03 -16.59 1.45
C GLU B 43 -19.66 -15.47 0.64
N THR B 44 -20.83 -15.82 0.12
CA THR B 44 -21.59 -14.83 -0.64
C THR B 44 -22.73 -14.26 0.21
N ASP B 45 -22.42 -13.98 1.47
CA ASP B 45 -23.45 -13.46 2.40
C ASP B 45 -22.91 -12.26 3.17
N ALA B 46 -23.52 -12.01 4.34
CA ALA B 46 -23.25 -10.92 5.31
C ALA B 46 -23.82 -9.57 4.84
N SER B 47 -24.44 -8.84 5.75
CA SER B 47 -25.01 -7.50 5.42
C SER B 47 -23.88 -6.49 5.26
N GLU B 48 -24.18 -5.33 4.67
CA GLU B 48 -23.13 -4.31 4.40
C GLU B 48 -22.46 -3.91 5.71
N LEU B 49 -23.21 -3.71 6.80
CA LEU B 49 -22.65 -3.36 8.13
C LEU B 49 -21.76 -4.51 8.64
N ILE B 50 -22.18 -5.76 8.47
CA ILE B 50 -21.34 -6.91 8.93
C ILE B 50 -20.06 -7.00 8.08
N ALA B 51 -20.20 -6.79 6.77
CA ALA B 51 -19.06 -6.90 5.82
C ALA B 51 -18.03 -5.81 6.09
N GLN B 52 -18.49 -4.56 6.29
CA GLN B 52 -17.56 -3.42 6.55
C GLN B 52 -16.84 -3.65 7.89
N LEU B 53 -17.45 -4.28 9.02
CA LEU B 53 -16.78 -4.55 10.29
C LEU B 53 -15.68 -5.60 10.13
N GLU B 54 -15.97 -6.63 9.32
CA GLU B 54 -14.97 -7.65 9.01
C GLU B 54 -13.80 -7.06 8.23
N LYS B 55 -14.09 -6.16 7.28
CA LYS B 55 -13.06 -5.49 6.52
C LYS B 55 -12.20 -4.60 7.41
N LYS B 56 -12.82 -3.94 8.38
CA LYS B 56 -12.10 -3.08 9.32
C LYS B 56 -11.14 -3.90 10.18
N TYR B 57 -11.59 -5.05 10.68
CA TYR B 57 -10.72 -5.83 11.54
C TYR B 57 -9.65 -6.57 10.75
N LEU B 58 -9.94 -6.96 9.50
CA LEU B 58 -8.92 -7.59 8.68
C LEU B 58 -7.86 -6.58 8.23
N SER B 59 -8.28 -5.35 7.93
CA SER B 59 -7.32 -4.32 7.60
C SER B 59 -6.49 -3.92 8.81
N ALA B 60 -7.08 -3.98 10.01
CA ALA B 60 -6.29 -3.80 11.22
C ALA B 60 -5.27 -4.92 11.42
N GLN B 61 -5.64 -6.15 11.06
CA GLN B 61 -4.70 -7.27 11.17
C GLN B 61 -3.58 -7.17 10.15
N VAL B 62 -3.79 -6.43 9.06
CA VAL B 62 -2.68 -6.19 8.14
C VAL B 62 -1.84 -5.00 8.58
N VAL B 63 -2.48 -3.95 9.10
CA VAL B 63 -1.79 -2.71 9.45
C VAL B 63 -0.90 -2.90 10.67
N GLU B 64 -1.40 -3.59 11.69
CA GLU B 64 -0.72 -3.71 12.98
C GLU B 64 0.68 -4.34 12.95
N PRO B 65 0.96 -5.43 12.24
CA PRO B 65 2.37 -5.85 12.15
C PRO B 65 3.18 -5.00 11.19
N GLY B 66 2.53 -4.36 10.21
CA GLY B 66 3.27 -3.59 9.24
C GLY B 66 3.69 -2.24 9.77
N VAL B 67 2.99 -1.74 10.78
CA VAL B 67 3.41 -0.50 11.44
C VAL B 67 4.68 -0.73 12.24
N HIS B 68 4.78 -1.90 12.86
CA HIS B 68 5.96 -2.25 13.64
C HIS B 68 7.17 -2.57 12.77
N ASN B 69 6.99 -2.75 11.47
CA ASN B 69 8.08 -2.99 10.55
C ASN B 69 8.61 -1.72 9.91
N ILE B 70 8.11 -0.56 10.30
CA ILE B 70 8.50 0.72 9.70
C ILE B 70 9.31 1.50 10.73
N ALA B 71 10.53 1.87 10.36
CA ALA B 71 11.38 2.69 11.22
C ALA B 71 10.89 4.11 11.22
N LEU B 72 10.68 4.68 12.40
CA LEU B 72 10.35 6.08 12.50
C LEU B 72 11.60 6.92 12.21
N PRO B 73 11.49 7.98 11.42
CA PRO B 73 12.66 8.81 11.14
C PRO B 73 12.93 9.83 12.24
N LEU B 74 13.30 9.37 13.42
CA LEU B 74 13.49 10.26 14.55
C LEU B 74 14.88 10.87 14.54
N GLY B 75 14.94 12.18 14.64
CA GLY B 75 16.20 12.89 14.66
C GLY B 75 16.93 12.83 13.33
N GLU B 76 16.20 13.05 12.24
CA GLU B 76 16.76 13.02 10.90
C GLU B 76 16.67 14.40 10.28
N SER B 77 17.65 14.71 9.44
CA SER B 77 17.66 15.95 8.68
C SER B 77 17.18 15.68 7.26
N GLY B 78 16.33 16.56 6.76
CA GLY B 78 15.85 16.44 5.41
C GLY B 78 14.43 15.89 5.33
N SER B 79 13.81 16.11 4.19
CA SER B 79 12.44 15.66 3.97
C SER B 79 12.37 14.24 3.44
N ALA B 80 13.49 13.64 3.04
CA ALA B 80 13.47 12.32 2.41
C ALA B 80 13.24 11.16 3.38
N PRO B 81 13.77 11.16 4.62
CA PRO B 81 13.30 10.11 5.56
C PRO B 81 11.83 10.23 5.92
N VAL B 82 11.31 11.45 6.01
CA VAL B 82 9.89 11.64 6.26
C VAL B 82 9.06 11.19 5.06
N LYS B 83 9.60 11.38 3.85
CA LYS B 83 8.92 10.91 2.66
C LYS B 83 8.99 9.40 2.53
N ARG B 84 10.08 8.79 2.98
CA ARG B 84 10.17 7.34 3.08
C ARG B 84 9.14 6.80 4.06
N TYR B 85 9.01 7.45 5.21
CA TYR B 85 8.07 7.01 6.23
C TYR B 85 6.63 7.13 5.76
N ALA B 86 6.31 8.25 5.10
CA ALA B 86 4.99 8.43 4.54
C ALA B 86 4.71 7.47 3.40
N ALA B 87 5.74 7.16 2.60
CA ALA B 87 5.56 6.20 1.51
C ALA B 87 5.36 4.78 2.03
N GLU B 88 6.04 4.43 3.12
CA GLU B 88 5.83 3.12 3.72
C GLU B 88 4.45 3.00 4.34
N LEU B 89 3.95 4.10 4.94
CA LEU B 89 2.59 4.08 5.47
C LEU B 89 1.55 4.04 4.35
N PHE B 90 1.85 4.68 3.22
CA PHE B 90 0.97 4.61 2.04
C PHE B 90 0.93 3.19 1.47
N ASN B 91 2.09 2.55 1.32
CA ASN B 91 2.14 1.20 0.79
C ASN B 91 1.52 0.20 1.76
N LEU B 92 1.63 0.46 3.06
CA LEU B 92 0.99 -0.39 4.05
C LEU B 92 -0.53 -0.25 4.00
N GLY B 93 -1.02 0.97 3.81
CA GLY B 93 -2.45 1.17 3.63
C GLY B 93 -2.97 0.53 2.35
N ALA B 94 -2.15 0.55 1.30
CA ALA B 94 -2.54 -0.12 0.06
C ALA B 94 -2.53 -1.64 0.23
N GLN B 95 -1.64 -2.16 1.06
CA GLN B 95 -1.58 -3.59 1.28
C GLN B 95 -2.75 -4.07 2.15
N ALA B 96 -3.29 -3.19 2.97
CA ALA B 96 -4.38 -3.55 3.87
C ALA B 96 -5.76 -3.33 3.27
N GLY B 97 -5.83 -2.84 2.04
CA GLY B 97 -7.10 -2.66 1.38
C GLY B 97 -7.66 -1.27 1.42
N PHE B 98 -6.89 -0.29 1.85
CA PHE B 98 -7.33 1.10 1.78
C PHE B 98 -7.02 1.67 0.41
N GLU B 99 -7.76 2.70 0.03
CA GLU B 99 -7.40 3.52 -1.12
C GLU B 99 -6.46 4.63 -0.67
N CYS B 100 -6.30 5.64 -1.52
CA CYS B 100 -5.53 6.83 -1.18
C CYS B 100 -6.14 7.52 0.04
N PRO B 101 -5.32 8.08 0.95
CA PRO B 101 -5.84 8.79 2.13
C PRO B 101 -6.81 9.91 1.83
N PHE B 102 -6.56 10.63 0.73
CA PHE B 102 -7.49 11.64 0.24
C PHE B 102 -8.85 11.04 -0.08
N ILE B 103 -8.86 9.97 -0.88
CA ILE B 103 -10.10 9.28 -1.23
C ILE B 103 -10.73 8.62 -0.01
N GLU B 104 -9.91 8.12 0.91
CA GLU B 104 -10.45 7.38 2.04
C GLU B 104 -11.06 8.29 3.09
N VAL B 105 -10.58 9.54 3.19
CA VAL B 105 -11.22 10.46 4.14
C VAL B 105 -12.34 11.23 3.44
N SER B 106 -12.29 11.32 2.11
CA SER B 106 -13.44 11.84 1.38
C SER B 106 -14.63 10.88 1.48
N LYS B 107 -14.34 9.58 1.53
CA LYS B 107 -15.37 8.59 1.84
C LYS B 107 -15.99 8.81 3.22
N LYS B 108 -15.15 9.18 4.20
CA LYS B 108 -15.67 9.41 5.55
C LYS B 108 -16.51 10.67 5.61
N PHE B 109 -16.11 11.71 4.87
CA PHE B 109 -16.91 12.92 4.79
C PHE B 109 -18.25 12.66 4.11
N GLY B 110 -18.25 11.86 3.04
CA GLY B 110 -19.50 11.55 2.36
C GLY B 110 -20.38 10.59 3.14
N GLN B 111 -19.77 9.79 4.02
CA GLN B 111 -20.54 8.80 4.77
C GLN B 111 -21.12 9.40 6.04
N GLU B 112 -20.36 10.26 6.73
CA GLU B 112 -20.83 10.82 7.99
C GLU B 112 -21.93 11.85 7.79
N THR B 113 -21.96 12.51 6.63
CA THR B 113 -22.95 13.53 6.32
C THR B 113 -23.65 13.21 5.02
N ALA B 114 -24.09 11.96 4.88
CA ALA B 114 -24.86 11.59 3.70
C ALA B 114 -26.25 12.19 3.75
N THR B 115 -26.84 12.30 4.95
CA THR B 115 -28.15 12.90 5.16
C THR B 115 -27.97 14.14 6.04
N SER B 116 -27.67 15.27 5.39
CA SER B 116 -27.43 16.53 6.08
C SER B 116 -27.86 17.65 5.16
N GLU B 117 -28.90 18.38 5.56
CA GLU B 117 -29.47 19.41 4.72
C GLU B 117 -28.88 20.79 4.98
N THR B 118 -28.22 20.99 6.12
CA THR B 118 -27.65 22.29 6.46
C THR B 118 -26.15 22.15 6.67
N VAL B 119 -25.45 23.29 6.58
CA VAL B 119 -23.99 23.29 6.65
C VAL B 119 -23.53 23.09 8.09
N LYS B 120 -24.33 23.54 9.06
CA LYS B 120 -23.94 23.40 10.46
C LYS B 120 -23.94 21.94 10.90
N ASP B 121 -24.87 21.14 10.37
CA ASP B 121 -24.87 19.70 10.67
C ASP B 121 -23.68 19.02 10.02
N VAL B 122 -23.23 19.52 8.87
CA VAL B 122 -22.03 19.00 8.23
C VAL B 122 -20.79 19.32 9.06
N LEU B 123 -20.69 20.55 9.54
CA LEU B 123 -19.56 20.95 10.37
C LEU B 123 -19.60 20.34 11.76
N ASN B 124 -20.75 19.87 12.22
CA ASN B 124 -20.83 19.20 13.52
C ASN B 124 -20.75 17.69 13.43
N LYS B 125 -20.95 17.10 12.25
CA LYS B 125 -20.84 15.65 12.13
C LYS B 125 -19.51 15.19 11.53
N THR B 126 -18.77 16.08 10.89
CA THR B 126 -17.41 15.81 10.45
C THR B 126 -16.38 16.48 11.34
N LYS B 127 -16.70 16.69 12.61
CA LYS B 127 -15.83 17.44 13.50
C LYS B 127 -14.60 16.64 13.92
N SER B 128 -14.71 15.30 13.96
CA SER B 128 -13.60 14.46 14.38
C SER B 128 -12.50 14.36 13.34
N TYR B 129 -12.80 14.66 12.07
CA TYR B 129 -11.85 14.46 11.00
C TYR B 129 -11.27 15.75 10.45
N VAL B 130 -11.82 16.90 10.82
CA VAL B 130 -11.29 18.19 10.41
C VAL B 130 -10.62 18.82 11.63
N SER B 131 -9.53 19.56 11.39
CA SER B 131 -8.82 20.26 12.45
C SER B 131 -9.73 21.25 13.15
N ALA B 132 -9.50 21.43 14.46
CA ALA B 132 -10.35 22.31 15.25
C ALA B 132 -10.16 23.77 14.86
N ASP B 133 -8.98 24.13 14.35
CA ASP B 133 -8.76 25.48 13.85
C ASP B 133 -9.55 25.73 12.58
N TYR B 134 -9.50 24.77 11.64
CA TYR B 134 -10.26 24.92 10.39
C TYR B 134 -11.75 24.82 10.64
N ASN B 135 -12.17 23.95 11.58
CA ASN B 135 -13.58 23.85 11.92
C ASN B 135 -14.09 25.13 12.59
N ALA B 136 -13.27 25.75 13.44
CA ALA B 136 -13.67 27.00 14.08
C ALA B 136 -13.73 28.14 13.08
N ALA B 137 -12.78 28.18 12.13
CA ALA B 137 -12.81 29.21 11.09
C ALA B 137 -14.01 29.06 10.18
N LEU B 138 -14.35 27.82 9.81
CA LEU B 138 -15.53 27.58 8.99
C LEU B 138 -16.81 27.86 9.76
N ASN B 139 -16.80 27.66 11.08
CA ASN B 139 -17.96 27.99 11.89
C ASN B 139 -18.15 29.50 12.00
N GLU B 140 -17.05 30.26 12.09
CA GLU B 140 -17.16 31.72 12.09
C GLU B 140 -17.65 32.24 10.74
N VAL B 141 -17.18 31.63 9.65
CA VAL B 141 -17.66 31.97 8.32
C VAL B 141 -19.14 31.65 8.17
N LEU B 142 -19.57 30.50 8.69
CA LEU B 142 -20.97 30.09 8.58
C LEU B 142 -21.86 30.99 9.43
N SER B 143 -21.39 31.40 10.60
CA SER B 143 -22.17 32.33 11.44
C SER B 143 -22.28 33.70 10.79
N SER B 144 -21.21 34.14 10.10
CA SER B 144 -21.28 35.41 9.39
C SER B 144 -22.25 35.36 8.22
N VAL B 145 -22.26 34.24 7.48
CA VAL B 145 -23.16 34.14 6.33
C VAL B 145 -24.61 33.97 6.79
N GLU B 146 -24.83 33.21 7.87
CA GLU B 146 -26.17 33.09 8.43
C GLU B 146 -26.64 34.41 9.04
N ALA B 147 -25.71 35.26 9.49
CA ALA B 147 -26.09 36.58 9.95
C ALA B 147 -26.47 37.49 8.79
N GLU B 148 -25.75 37.38 7.66
CA GLU B 148 -26.03 38.30 6.56
C GLU B 148 -27.27 37.88 5.77
N ILE B 149 -27.57 36.59 5.68
CA ILE B 149 -28.75 36.15 4.94
C ILE B 149 -29.96 35.91 5.85
N ASN B 150 -29.78 35.94 7.18
CA ASN B 150 -30.84 35.78 8.18
C ASN B 150 -31.58 34.46 8.03
N GLY B 151 -30.85 33.41 7.66
CA GLY B 151 -31.43 32.10 7.41
C GLY B 151 -30.34 31.07 7.55
N PRO B 152 -30.68 29.81 7.88
CA PRO B 152 -29.66 28.75 7.89
C PRO B 152 -29.15 28.42 6.50
N VAL B 153 -27.83 28.31 6.35
CA VAL B 153 -27.26 27.93 5.06
C VAL B 153 -27.51 26.46 4.82
N LEU B 154 -28.04 26.14 3.64
CA LEU B 154 -28.37 24.78 3.27
C LEU B 154 -27.23 24.14 2.52
N PHE B 155 -27.22 22.81 2.49
CA PHE B 155 -26.15 22.06 1.84
C PHE B 155 -26.58 21.58 0.46
N ASP B 156 -27.37 22.39 -0.24
CA ASP B 156 -27.83 22.00 -1.57
C ASP B 156 -26.77 22.30 -2.63
N GLY B 157 -26.09 23.43 -2.51
CA GLY B 157 -25.05 23.78 -3.47
C GLY B 157 -25.47 24.73 -4.55
N LYS B 158 -26.77 24.92 -4.78
CA LYS B 158 -27.26 25.85 -5.78
C LYS B 158 -27.88 27.11 -5.20
N THR B 159 -28.08 27.17 -3.88
CA THR B 159 -28.59 28.39 -3.26
C THR B 159 -27.51 29.45 -3.25
N GLU B 160 -27.93 30.72 -3.15
CA GLU B 160 -26.96 31.81 -3.16
C GLU B 160 -26.26 31.94 -1.81
N GLY B 161 -26.92 31.53 -0.73
CA GLY B 161 -26.30 31.55 0.58
C GLY B 161 -25.14 30.56 0.68
N PHE B 162 -25.31 29.39 0.07
CA PHE B 162 -24.19 28.44 0.03
C PHE B 162 -23.10 28.92 -0.90
N LYS B 163 -23.44 29.70 -1.93
CA LYS B 163 -22.41 30.24 -2.80
C LYS B 163 -21.57 31.30 -2.09
N LYS B 164 -22.21 32.13 -1.26
CA LYS B 164 -21.47 33.10 -0.46
C LYS B 164 -20.63 32.40 0.60
N PHE B 165 -21.18 31.37 1.24
CA PHE B 165 -20.42 30.57 2.19
C PHE B 165 -19.24 29.87 1.51
N ALA B 166 -19.43 29.40 0.28
CA ALA B 166 -18.37 28.69 -0.42
C ALA B 166 -17.27 29.65 -0.87
N ALA B 167 -17.64 30.88 -1.21
CA ALA B 167 -16.63 31.88 -1.56
C ALA B 167 -15.80 32.26 -0.34
N LYS B 168 -16.45 32.49 0.80
CA LYS B 168 -15.68 32.84 2.01
C LYS B 168 -14.91 31.63 2.55
N ALA B 169 -15.44 30.42 2.32
CA ALA B 169 -14.74 29.22 2.74
C ALA B 169 -13.53 28.94 1.87
N LYS B 170 -13.63 29.26 0.57
CA LYS B 170 -12.46 29.19 -0.29
C LYS B 170 -11.43 30.22 0.10
N ALA B 171 -11.89 31.40 0.56
CA ALA B 171 -10.96 32.42 1.06
C ALA B 171 -10.20 31.94 2.30
N VAL B 172 -10.91 31.36 3.27
CA VAL B 172 -10.23 30.92 4.49
C VAL B 172 -9.38 29.68 4.22
N ALA B 173 -9.76 28.87 3.23
CA ALA B 173 -8.96 27.71 2.86
C ALA B 173 -7.67 28.11 2.15
N VAL B 174 -7.73 29.15 1.32
CA VAL B 174 -6.51 29.69 0.71
C VAL B 174 -5.63 30.35 1.77
N SER B 175 -6.26 31.01 2.74
CA SER B 175 -5.47 31.67 3.79
C SER B 175 -4.79 30.67 4.71
N ARG B 176 -5.40 29.49 4.92
CA ARG B 176 -4.80 28.51 5.81
C ARG B 176 -3.70 27.71 5.12
N GLY B 177 -3.56 27.87 3.81
CA GLY B 177 -2.49 27.22 3.07
C GLY B 177 -2.95 26.14 2.12
N LEU B 178 -4.25 25.95 1.95
CA LEU B 178 -4.77 24.92 1.07
C LEU B 178 -5.11 25.53 -0.28
N PRO B 179 -4.44 25.15 -1.37
CA PRO B 179 -4.80 25.67 -2.68
C PRO B 179 -6.12 25.07 -3.17
N ALA B 180 -7.22 25.67 -2.73
CA ALA B 180 -8.54 25.05 -2.89
C ALA B 180 -8.96 24.99 -4.36
N ASP B 181 -8.45 25.91 -5.18
CA ASP B 181 -8.74 25.84 -6.61
C ASP B 181 -8.06 24.64 -7.26
N THR B 182 -6.83 24.33 -6.84
CA THR B 182 -6.11 23.17 -7.37
C THR B 182 -6.75 21.87 -6.89
N ILE B 183 -7.12 21.81 -5.61
CA ILE B 183 -7.76 20.64 -5.04
C ILE B 183 -9.13 20.39 -5.68
N LEU B 184 -9.86 21.47 -5.96
CA LEU B 184 -11.16 21.32 -6.62
C LEU B 184 -11.00 20.91 -8.08
N ALA B 185 -10.00 21.47 -8.77
CA ALA B 185 -9.84 21.18 -10.19
C ALA B 185 -9.26 19.79 -10.42
N TYR B 186 -8.57 19.23 -9.42
CA TYR B 186 -8.08 17.86 -9.57
C TYR B 186 -9.22 16.86 -9.46
N CYS B 187 -10.13 17.06 -8.51
CA CYS B 187 -11.24 16.12 -8.35
C CYS B 187 -12.33 16.37 -9.38
N ALA B 188 -12.36 17.57 -9.97
CA ALA B 188 -13.36 17.86 -10.99
C ALA B 188 -12.94 17.29 -12.34
N GLY B 189 -11.66 17.31 -12.64
CA GLY B 189 -11.18 16.85 -13.93
C GLY B 189 -11.14 17.97 -14.96
N SER B 190 -10.66 17.60 -16.15
CA SER B 190 -10.57 18.53 -17.27
C SER B 190 -10.88 17.79 -18.56
N ALA B 191 -11.12 18.57 -19.63
CA ALA B 191 -11.47 17.98 -20.91
C ALA B 191 -10.25 17.40 -21.62
N ASN B 192 -9.20 18.20 -21.76
CA ASN B 192 -7.95 17.75 -22.35
C ASN B 192 -7.08 17.15 -21.26
N GLU B 193 -6.17 16.26 -21.66
CA GLU B 193 -5.34 15.57 -20.68
C GLU B 193 -4.11 16.37 -20.31
N ASP B 194 -3.78 17.39 -21.11
CA ASP B 194 -2.61 18.22 -20.80
C ASP B 194 -2.91 19.18 -19.65
N ALA B 195 -4.06 19.84 -19.67
CA ALA B 195 -4.46 20.69 -18.56
C ALA B 195 -4.73 19.87 -17.31
N ALA B 196 -5.26 18.66 -17.49
CA ALA B 196 -5.41 17.74 -16.37
C ALA B 196 -4.06 17.32 -15.80
N ASP B 197 -3.05 17.21 -16.65
CA ASP B 197 -1.71 16.88 -16.18
C ASP B 197 -1.10 18.04 -15.40
N LYS B 198 -1.32 19.27 -15.84
CA LYS B 198 -0.86 20.44 -15.10
C LYS B 198 -1.52 20.53 -13.73
N VAL B 199 -2.83 20.34 -13.69
CA VAL B 199 -3.57 20.38 -12.43
C VAL B 199 -3.17 19.23 -11.52
N SER B 200 -2.88 18.06 -12.10
CA SER B 200 -2.48 16.93 -11.27
C SER B 200 -1.08 17.10 -10.71
N LYS B 201 -0.18 17.76 -11.46
CA LYS B 201 1.15 18.01 -10.94
C LYS B 201 1.11 19.03 -9.80
N GLU B 202 0.26 20.06 -9.94
CA GLU B 202 0.12 21.02 -8.84
C GLU B 202 -0.56 20.38 -7.62
N PHE B 203 -1.54 19.49 -7.86
CA PHE B 203 -2.20 18.80 -6.76
C PHE B 203 -1.25 17.86 -6.04
N PHE B 204 -0.39 17.15 -6.77
CA PHE B 204 0.49 16.21 -6.12
C PHE B 204 1.66 16.91 -5.44
N THR B 205 2.00 18.12 -5.91
CA THR B 205 2.89 18.98 -5.13
C THR B 205 2.27 19.32 -3.78
N TRP B 206 1.00 19.78 -3.77
CA TRP B 206 0.32 20.04 -2.50
C TRP B 206 0.20 18.79 -1.66
N PHE B 207 -0.13 17.66 -2.28
CA PHE B 207 -0.41 16.42 -1.55
C PHE B 207 0.84 15.86 -0.92
N GLU B 208 1.97 15.94 -1.62
CA GLU B 208 3.24 15.51 -1.04
C GLU B 208 3.65 16.42 0.10
N SER B 209 3.45 17.74 -0.06
CA SER B 209 3.68 18.67 1.05
C SER B 209 2.79 18.36 2.24
N ALA B 210 1.54 17.95 1.98
CA ALA B 210 0.57 17.71 3.04
C ALA B 210 0.91 16.45 3.82
N TYR B 211 1.15 15.34 3.13
CA TYR B 211 1.45 14.13 3.90
C TYR B 211 2.85 14.16 4.50
N THR B 212 3.79 14.90 3.89
CA THR B 212 5.08 15.12 4.53
C THR B 212 4.93 15.95 5.79
N ALA B 213 4.03 16.94 5.78
CA ALA B 213 3.78 17.75 6.96
C ALA B 213 3.12 16.94 8.07
N ASP B 214 2.18 16.05 7.72
CA ASP B 214 1.53 15.23 8.74
C ASP B 214 2.48 14.19 9.32
N ALA B 215 3.29 13.56 8.46
CA ALA B 215 4.25 12.58 8.95
C ALA B 215 5.35 13.24 9.77
N ALA B 216 5.77 14.45 9.39
CA ALA B 216 6.75 15.19 10.18
C ALA B 216 6.18 15.63 11.52
N ALA B 217 4.89 15.95 11.55
CA ALA B 217 4.24 16.29 12.81
C ALA B 217 4.15 15.08 13.74
N GLU B 218 3.85 13.91 13.18
CA GLU B 218 3.82 12.68 13.97
C GLU B 218 5.22 12.33 14.51
N VAL B 219 6.24 12.53 13.68
CA VAL B 219 7.61 12.28 14.10
C VAL B 219 8.05 13.27 15.18
N LYS B 220 7.64 14.54 15.06
CA LYS B 220 7.98 15.51 16.09
C LYS B 220 7.27 15.22 17.40
N ALA B 221 6.03 14.72 17.34
CA ALA B 221 5.33 14.33 18.55
C ALA B 221 5.99 13.13 19.23
N ILE B 222 6.43 12.15 18.44
CA ILE B 222 7.11 10.99 19.01
C ILE B 222 8.48 11.38 19.59
N GLU B 223 9.16 12.33 18.92
CA GLU B 223 10.44 12.83 19.41
C GLU B 223 10.28 13.57 20.72
N ALA B 224 9.27 14.43 20.82
CA ALA B 224 9.03 15.16 22.06
C ALA B 224 8.58 14.24 23.19
N GLU B 225 7.78 13.22 22.88
CA GLU B 225 7.37 12.26 23.89
C GLU B 225 8.56 11.44 24.40
N ALA B 226 9.46 11.03 23.49
CA ALA B 226 10.63 10.28 23.90
C ALA B 226 11.60 11.13 24.70
N ALA B 227 11.77 12.41 24.34
CA ALA B 227 12.61 13.30 25.12
C ALA B 227 12.04 13.58 26.50
N SER B 228 10.72 13.72 26.61
CA SER B 228 10.07 13.91 27.91
C SER B 228 10.20 12.67 28.79
N ILE B 229 9.98 11.49 28.21
CA ILE B 229 10.10 10.23 28.92
C ILE B 229 11.54 10.01 29.39
N LEU B 230 12.51 10.37 28.55
CA LEU B 230 13.91 10.21 28.93
C LEU B 230 14.32 11.20 30.02
N ASP B 231 13.76 12.42 29.99
CA ASP B 231 14.12 13.39 31.02
C ASP B 231 13.57 12.98 32.39
N ARG B 232 12.32 12.50 32.42
CA ARG B 232 11.77 12.02 33.69
C ARG B 232 12.41 10.70 34.10
N HIS B 233 13.02 9.98 33.16
CA HIS B 233 13.76 8.77 33.49
C HIS B 233 15.14 9.10 34.07
N LEU B 234 15.80 10.11 33.50
CA LEU B 234 17.14 10.48 33.95
C LEU B 234 17.10 11.26 35.24
N ALA B 235 15.92 11.78 35.63
CA ALA B 235 15.81 12.42 36.93
C ALA B 235 15.87 11.40 38.08
N LYS B 236 15.70 10.12 37.78
CA LYS B 236 15.61 9.10 38.82
C LYS B 236 17.00 8.53 39.14
N PRO B 237 17.16 7.95 40.34
CA PRO B 237 18.33 7.08 40.57
C PRO B 237 18.20 5.74 39.85
N VAL B 238 19.30 4.99 39.81
CA VAL B 238 19.40 3.78 39.00
C VAL B 238 18.55 2.65 39.58
N ALA B 239 18.56 2.51 40.91
CA ALA B 239 17.90 1.38 41.56
C ALA B 239 16.37 1.50 41.45
N GLN B 240 15.85 2.73 41.51
CA GLN B 240 14.43 2.95 41.30
C GLN B 240 14.03 2.58 39.88
N ILE B 241 14.89 2.91 38.91
CA ILE B 241 14.65 2.56 37.51
C ILE B 241 14.62 1.06 37.32
N ARG B 242 15.58 0.36 37.94
CA ARG B 242 15.68 -1.09 37.80
C ARG B 242 14.49 -1.80 38.43
N LYS B 243 14.07 -1.35 39.63
CA LYS B 243 12.95 -2.02 40.27
C LYS B 243 11.63 -1.68 39.60
N GLU B 244 11.50 -0.46 39.05
CA GLU B 244 10.29 -0.09 38.32
C GLU B 244 10.14 -0.89 37.04
N GLN B 245 11.22 -1.01 36.28
CA GLN B 245 11.16 -1.75 35.03
C GLN B 245 11.05 -3.25 35.26
N ALA B 246 11.66 -3.78 36.32
CA ALA B 246 11.49 -5.19 36.66
C ALA B 246 10.07 -5.48 37.10
N SER B 247 9.45 -4.55 37.83
CA SER B 247 8.07 -4.73 38.26
C SER B 247 7.11 -4.66 37.08
N ALA B 248 7.36 -3.73 36.14
CA ALA B 248 6.52 -3.63 34.95
C ALA B 248 6.66 -4.86 34.05
N TYR B 249 7.89 -5.36 33.91
CA TYR B 249 8.11 -6.57 33.11
C TYR B 249 7.47 -7.79 33.76
N ALA B 250 7.54 -7.90 35.10
CA ALA B 250 6.93 -9.01 35.81
C ALA B 250 5.41 -8.95 35.72
N SER B 251 4.85 -7.75 35.80
CA SER B 251 3.40 -7.61 35.68
C SER B 251 2.92 -7.93 34.26
N LEU B 252 3.71 -7.56 33.25
CA LEU B 252 3.33 -7.89 31.88
C LEU B 252 3.43 -9.38 31.60
N LEU B 253 4.47 -10.04 32.14
CA LEU B 253 4.53 -11.51 32.03
C LEU B 253 3.40 -12.18 32.80
N LYS B 254 2.99 -11.60 33.93
CA LYS B 254 1.89 -12.19 34.69
C LYS B 254 0.57 -12.02 33.96
N ARG B 255 0.40 -10.90 33.26
CA ARG B 255 -0.80 -10.69 32.44
C ARG B 255 -0.81 -11.63 31.24
N ALA B 256 0.36 -11.93 30.69
CA ALA B 256 0.41 -12.86 29.56
C ALA B 256 0.32 -14.31 30.00
N GLU B 257 0.69 -14.59 31.25
CA GLU B 257 0.67 -15.98 31.73
C GLU B 257 -0.64 -16.30 32.42
N THR B 258 -1.43 -15.28 32.75
CA THR B 258 -2.78 -15.51 33.25
C THR B 258 -3.65 -16.16 32.18
N ALA B 259 -3.55 -15.68 30.94
CA ALA B 259 -4.26 -16.29 29.84
C ALA B 259 -3.46 -17.46 29.28
N LYS B 260 -3.99 -18.67 29.42
CA LYS B 260 -3.46 -19.86 28.78
C LYS B 260 -4.48 -20.39 27.80
N GLY B 261 -4.01 -20.80 26.62
CA GLY B 261 -4.89 -21.20 25.55
C GLY B 261 -5.23 -20.09 24.57
N ALA B 262 -5.03 -18.84 24.95
CA ALA B 262 -5.21 -17.73 24.02
C ALA B 262 -4.07 -17.72 23.02
N LYS B 263 -4.37 -17.34 21.79
CA LYS B 263 -3.35 -17.28 20.76
C LYS B 263 -2.41 -16.11 20.97
N TRP B 264 -2.93 -15.01 21.50
CA TRP B 264 -2.10 -13.82 21.69
C TRP B 264 -1.11 -14.02 22.82
N ALA B 265 -1.51 -14.72 23.87
CA ALA B 265 -0.59 -14.96 24.99
C ALA B 265 0.46 -16.00 24.62
N GLU B 266 0.09 -16.99 23.82
CA GLU B 266 1.06 -17.96 23.30
C GLU B 266 2.08 -17.28 22.40
N LYS B 267 1.63 -16.38 21.52
CA LYS B 267 2.56 -15.65 20.67
C LYS B 267 3.39 -14.66 21.47
N TYR B 268 2.84 -14.11 22.55
CA TYR B 268 3.57 -13.22 23.44
C TYR B 268 4.73 -13.94 24.12
N LEU B 269 4.47 -15.13 24.66
CA LEU B 269 5.55 -15.89 25.30
C LEU B 269 6.55 -16.43 24.28
N GLU B 270 6.08 -16.76 23.07
CA GLU B 270 6.99 -17.17 22.01
C GLU B 270 7.91 -16.02 21.60
N ASP B 271 7.39 -14.80 21.61
CA ASP B 271 8.21 -13.64 21.26
C ASP B 271 9.17 -13.28 22.38
N VAL B 272 8.78 -13.51 23.64
CA VAL B 272 9.72 -13.34 24.75
C VAL B 272 10.86 -14.35 24.64
N LYS B 273 10.55 -15.60 24.26
CA LYS B 273 11.59 -16.59 24.03
C LYS B 273 12.47 -16.23 22.84
N ALA B 274 11.89 -15.59 21.82
CA ALA B 274 12.69 -15.19 20.66
C ALA B 274 13.58 -13.99 20.96
N VAL B 275 13.14 -13.11 21.85
CA VAL B 275 14.00 -12.02 22.30
C VAL B 275 15.17 -12.56 23.12
N GLN B 276 14.90 -13.58 23.95
CA GLN B 276 15.98 -14.25 24.69
C GLN B 276 16.93 -14.97 23.74
N TRP B 277 16.41 -15.53 22.65
CA TRP B 277 17.26 -16.13 21.62
C TRP B 277 18.13 -15.08 20.95
N PHE B 278 17.58 -13.90 20.68
CA PHE B 278 18.36 -12.83 20.07
C PHE B 278 19.50 -12.39 20.97
N ASP B 279 19.22 -12.28 22.28
CA ASP B 279 20.25 -11.91 23.23
C ASP B 279 21.34 -12.97 23.32
N ALA B 280 20.94 -14.25 23.29
CA ALA B 280 21.93 -15.33 23.33
C ALA B 280 22.75 -15.40 22.04
N SER B 281 22.12 -15.12 20.90
CA SER B 281 22.82 -15.18 19.62
C SER B 281 23.80 -14.03 19.47
N VAL B 282 23.46 -12.88 20.04
CA VAL B 282 24.42 -11.77 20.08
C VAL B 282 25.53 -12.08 21.08
N ALA B 283 25.19 -12.77 22.17
CA ALA B 283 26.21 -13.11 23.17
C ALA B 283 27.18 -14.16 22.68
N GLU B 284 26.77 -14.97 21.69
CA GLU B 284 27.69 -15.96 21.13
C GLU B 284 28.74 -15.31 20.25
N ALA B 285 28.36 -14.28 19.50
CA ALA B 285 29.29 -13.56 18.62
C ALA B 285 28.80 -12.14 18.45
N PRO B 286 29.35 -11.19 19.22
CA PRO B 286 28.84 -9.81 19.16
C PRO B 286 29.23 -9.05 17.90
N ALA B 287 30.27 -9.50 17.19
CA ALA B 287 30.72 -8.76 16.02
C ALA B 287 29.92 -9.12 14.78
N SER B 288 29.35 -10.33 14.76
CA SER B 288 28.57 -10.75 13.60
C SER B 288 27.08 -10.52 13.81
N GLY B 289 26.63 -10.55 15.05
CA GLY B 289 25.24 -10.30 15.35
C GLY B 289 24.43 -11.58 15.52
N PRO B 290 23.13 -11.51 15.26
CA PRO B 290 22.29 -12.70 15.39
C PRO B 290 22.55 -13.74 14.31
N LYS B 291 22.43 -15.01 14.69
CA LYS B 291 22.73 -16.10 13.75
C LYS B 291 21.55 -16.33 12.82
N VAL B 292 21.73 -15.99 11.55
CA VAL B 292 20.69 -16.15 10.53
C VAL B 292 21.04 -17.38 9.70
N ALA B 293 20.15 -18.37 9.73
CA ALA B 293 20.36 -19.61 8.98
C ALA B 293 20.20 -19.34 7.49
N ALA B 294 21.29 -19.49 6.75
CA ALA B 294 21.27 -19.26 5.32
C ALA B 294 22.28 -20.17 4.61
N LEU C 15 11.25 -3.85 -6.12
CA LEU C 15 11.77 -3.77 -7.47
C LEU C 15 10.82 -4.46 -8.45
N THR C 16 10.77 -3.96 -9.68
CA THR C 16 9.83 -4.46 -10.66
C THR C 16 10.28 -5.80 -11.23
N THR C 17 9.39 -6.41 -12.03
CA THR C 17 9.67 -7.72 -12.59
C THR C 17 10.78 -7.66 -13.64
N PHE C 18 10.74 -6.65 -14.50
CA PHE C 18 11.73 -6.47 -15.55
C PHE C 18 12.56 -5.23 -15.25
N THR C 19 13.87 -5.40 -15.24
CA THR C 19 14.82 -4.31 -15.06
C THR C 19 15.65 -4.19 -16.33
N PHE C 20 15.96 -2.96 -16.71
CA PHE C 20 16.62 -2.71 -17.99
C PHE C 20 17.94 -1.98 -17.79
N SER C 21 18.70 -2.38 -16.78
CA SER C 21 20.01 -1.82 -16.49
C SER C 21 21.03 -2.95 -16.56
N GLY C 22 22.18 -2.66 -17.12
CA GLY C 22 23.22 -3.67 -17.34
C GLY C 22 24.51 -3.01 -17.72
N LEU C 23 25.18 -3.58 -18.73
CA LEU C 23 26.48 -3.08 -19.15
C LEU C 23 26.37 -1.85 -20.05
N GLN C 24 25.15 -1.38 -20.30
CA GLN C 24 24.88 -0.30 -21.25
C GLN C 24 25.49 1.03 -20.82
N ASP C 25 25.06 1.55 -19.68
CA ASP C 25 25.60 2.79 -19.14
C ASP C 25 26.27 2.57 -17.80
N ALA C 26 27.07 1.52 -17.70
CA ALA C 26 27.59 1.07 -16.42
C ALA C 26 28.78 1.91 -16.00
N PRO C 27 29.13 1.94 -14.71
CA PRO C 27 30.38 2.57 -14.29
C PRO C 27 31.59 1.78 -14.75
N VAL C 28 32.64 2.49 -15.14
CA VAL C 28 33.83 1.86 -15.69
C VAL C 28 34.97 1.94 -14.70
N ALA C 29 34.87 2.84 -13.73
CA ALA C 29 35.96 3.12 -12.81
C ALA C 29 35.42 3.29 -11.39
N ALA C 30 36.23 2.87 -10.42
CA ALA C 30 35.90 3.11 -9.03
C ALA C 30 36.26 4.55 -8.65
N LEU C 31 35.63 5.03 -7.57
CA LEU C 31 35.80 6.40 -7.13
C LEU C 31 36.61 6.53 -5.85
N SER C 32 36.88 5.41 -5.18
CA SER C 32 37.65 5.42 -3.94
C SER C 32 38.92 4.61 -4.13
N GLY C 33 39.94 4.94 -3.32
CA GLY C 33 41.19 4.21 -3.38
C GLY C 33 41.20 2.91 -2.61
N SER C 34 40.14 2.63 -1.85
CA SER C 34 40.11 1.42 -1.03
C SER C 34 39.85 0.19 -1.88
N ILE C 35 39.31 0.38 -3.08
CA ILE C 35 38.97 -0.71 -3.99
C ILE C 35 39.06 -0.17 -5.41
N LYS C 36 39.77 -0.89 -6.27
CA LYS C 36 40.07 -0.45 -7.62
C LYS C 36 39.32 -1.30 -8.62
N LEU C 37 38.61 -0.64 -9.53
CA LEU C 37 37.78 -1.30 -10.54
C LEU C 37 38.26 -0.87 -11.91
N ASN C 38 38.55 -1.84 -12.77
CA ASN C 38 38.83 -1.57 -14.17
C ASN C 38 38.00 -2.53 -15.02
N VAL C 39 37.19 -1.98 -15.92
CA VAL C 39 36.41 -2.80 -16.83
C VAL C 39 36.93 -2.56 -18.24
N ALA C 40 36.76 -3.56 -19.10
CA ALA C 40 37.05 -3.44 -20.52
C ALA C 40 35.84 -3.94 -21.28
N ALA C 41 35.10 -3.02 -21.90
CA ALA C 41 33.80 -3.30 -22.47
C ALA C 41 33.92 -3.47 -23.98
N LYS C 42 33.82 -4.71 -24.45
CA LYS C 42 33.79 -5.03 -25.86
C LYS C 42 32.34 -5.07 -26.34
N ALA C 43 32.12 -5.61 -27.55
CA ALA C 43 30.79 -5.66 -28.15
C ALA C 43 29.96 -6.72 -27.44
N GLY C 44 29.25 -6.29 -26.40
CA GLY C 44 28.35 -7.16 -25.68
C GLY C 44 28.95 -7.89 -24.51
N LYS C 45 30.25 -7.76 -24.29
CA LYS C 45 30.92 -8.45 -23.19
C LYS C 45 31.89 -7.48 -22.52
N ALA C 46 32.34 -7.85 -21.32
CA ALA C 46 33.27 -7.01 -20.57
C ALA C 46 34.15 -7.89 -19.71
N GLU C 47 35.37 -7.43 -19.49
CA GLU C 47 36.29 -8.05 -18.55
C GLU C 47 36.45 -7.11 -17.36
N VAL C 48 36.13 -7.60 -16.17
CA VAL C 48 36.17 -6.78 -14.96
C VAL C 48 37.34 -7.25 -14.10
N THR C 49 38.06 -6.29 -13.52
CA THR C 49 39.14 -6.55 -12.58
C THR C 49 38.90 -5.70 -11.34
N VAL C 50 38.74 -6.37 -10.21
CA VAL C 50 38.49 -5.73 -8.92
C VAL C 50 39.65 -6.08 -8.00
N ALA C 51 40.26 -5.06 -7.41
CA ALA C 51 41.42 -5.25 -6.55
C ALA C 51 41.21 -4.50 -5.24
N ALA C 52 41.34 -5.19 -4.12
CA ALA C 52 41.31 -4.58 -2.79
C ALA C 52 42.37 -5.26 -1.93
N GLY C 53 43.37 -4.49 -1.53
CA GLY C 53 44.45 -5.03 -0.72
C GLY C 53 45.26 -6.06 -1.48
N ALA C 54 45.42 -7.23 -0.88
CA ALA C 54 46.10 -8.32 -1.55
C ALA C 54 45.15 -9.10 -2.44
N ALA C 55 43.85 -8.84 -2.33
CA ALA C 55 42.87 -9.61 -3.08
C ALA C 55 42.66 -9.02 -4.47
N LYS C 56 42.65 -9.89 -5.47
CA LYS C 56 42.39 -9.50 -6.86
C LYS C 56 41.44 -10.51 -7.47
N ALA C 57 40.59 -10.02 -8.38
CA ALA C 57 39.67 -10.87 -9.11
C ALA C 57 39.52 -10.33 -10.52
N ALA C 58 39.57 -11.23 -11.51
CA ALA C 58 39.50 -10.86 -12.91
C ALA C 58 38.54 -11.82 -13.60
N THR C 59 37.30 -11.39 -13.77
CA THR C 59 36.31 -12.25 -14.41
C THR C 59 35.77 -11.60 -15.69
N GLN C 60 34.90 -12.35 -16.37
CA GLN C 60 34.33 -11.96 -17.65
C GLN C 60 32.82 -12.01 -17.54
N VAL C 61 32.17 -10.87 -17.77
CA VAL C 61 30.73 -10.72 -17.57
C VAL C 61 30.10 -10.27 -18.88
N SER C 62 29.03 -10.96 -19.28
CA SER C 62 28.31 -10.58 -20.48
C SER C 62 27.23 -9.56 -20.13
N ALA C 63 26.61 -9.00 -21.18
CA ALA C 63 25.42 -8.18 -20.96
C ALA C 63 24.25 -9.04 -20.50
N ALA C 64 24.17 -10.27 -21.01
CA ALA C 64 23.07 -11.17 -20.66
C ALA C 64 23.17 -11.63 -19.22
N ALA C 65 24.37 -11.73 -18.67
CA ALA C 65 24.52 -12.11 -17.26
C ALA C 65 24.07 -10.99 -16.33
N LEU C 66 24.40 -9.74 -16.68
CA LEU C 66 23.93 -8.61 -15.88
C LEU C 66 22.43 -8.41 -16.04
N ARG C 67 21.86 -8.82 -17.17
CA ARG C 67 20.42 -8.77 -17.30
C ARG C 67 19.74 -9.92 -16.54
N LYS C 68 20.44 -11.05 -16.40
CA LYS C 68 19.91 -12.15 -15.61
C LYS C 68 20.02 -11.87 -14.12
N LEU C 69 20.90 -10.94 -13.75
CA LEU C 69 21.21 -10.71 -12.34
C LEU C 69 20.01 -10.17 -11.56
N SER C 70 19.21 -9.31 -12.19
CA SER C 70 18.06 -8.76 -11.49
C SER C 70 16.80 -9.59 -11.68
N GLY C 71 16.95 -10.84 -12.12
CA GLY C 71 15.79 -11.70 -12.25
C GLY C 71 15.31 -12.23 -10.91
N SER C 72 16.25 -12.61 -10.05
CA SER C 72 15.93 -13.07 -8.69
C SER C 72 16.25 -11.92 -7.75
N LYS C 73 15.25 -11.48 -6.99
CA LYS C 73 15.42 -10.32 -6.14
C LYS C 73 16.00 -10.71 -4.79
N ILE C 74 16.93 -9.90 -4.31
CA ILE C 74 17.39 -9.96 -2.93
C ILE C 74 16.55 -8.98 -2.12
N SER C 75 15.60 -9.51 -1.37
CA SER C 75 14.77 -8.70 -0.49
C SER C 75 15.49 -8.57 0.86
N LEU C 76 16.23 -7.48 1.02
CA LEU C 76 16.97 -7.23 2.24
C LEU C 76 15.98 -6.82 3.33
N ALA C 77 16.07 -7.46 4.48
CA ALA C 77 15.12 -7.24 5.57
C ALA C 77 15.89 -7.17 6.87
N GLU C 78 15.42 -6.30 7.78
CA GLU C 78 16.10 -6.10 9.05
C GLU C 78 15.83 -7.25 10.00
N VAL C 79 16.86 -7.69 10.69
CA VAL C 79 16.73 -8.64 11.79
C VAL C 79 16.79 -7.85 13.08
N ALA C 80 15.63 -7.53 13.65
CA ALA C 80 15.54 -6.68 14.81
C ALA C 80 15.31 -7.53 16.06
N ARG C 81 15.69 -6.99 17.21
CA ARG C 81 15.47 -7.68 18.46
C ARG C 81 13.99 -7.77 18.80
N ILE C 82 13.29 -6.65 18.67
CA ILE C 82 11.85 -6.60 18.92
C ILE C 82 11.15 -6.25 17.62
N SER C 83 11.42 -5.05 17.09
CA SER C 83 10.86 -4.63 15.82
C SER C 83 11.71 -3.48 15.28
N VAL C 84 11.47 -3.15 14.02
CA VAL C 84 12.16 -2.03 13.39
C VAL C 84 11.70 -0.72 14.00
N LEU C 85 10.42 -0.64 14.36
CA LEU C 85 9.86 0.53 15.01
C LEU C 85 10.45 0.73 16.40
N HIS C 86 10.50 -0.34 17.18
CA HIS C 86 11.08 -0.28 18.53
C HIS C 86 12.56 0.04 18.48
N SER C 87 13.26 -0.47 17.46
CA SER C 87 14.68 -0.17 17.34
C SER C 87 14.92 1.27 16.93
N SER C 88 14.02 1.85 16.12
CA SER C 88 14.15 3.26 15.77
C SER C 88 13.91 4.16 16.98
N ILE C 89 12.91 3.81 17.79
CA ILE C 89 12.64 4.60 19.00
C ILE C 89 13.78 4.46 20.01
N GLN C 90 14.30 3.24 20.18
CA GLN C 90 15.42 3.02 21.10
C GLN C 90 16.70 3.66 20.59
N ASN C 91 16.88 3.75 19.27
CA ASN C 91 18.05 4.42 18.73
C ASN C 91 17.97 5.93 18.94
N TYR C 92 16.77 6.49 18.85
CA TYR C 92 16.63 7.92 19.16
C TYR C 92 16.84 8.19 20.64
N LEU C 93 16.39 7.26 21.50
CA LEU C 93 16.65 7.38 22.93
C LEU C 93 18.14 7.30 23.24
N LEU C 94 18.86 6.44 22.50
CA LEU C 94 20.30 6.34 22.67
C LEU C 94 21.01 7.61 22.21
N SER C 95 20.52 8.25 21.15
CA SER C 95 21.12 9.51 20.71
C SER C 95 20.88 10.64 21.70
N LEU C 96 19.68 10.69 22.28
CA LEU C 96 19.41 11.70 23.30
C LEU C 96 20.21 11.44 24.57
N SER C 97 20.40 10.16 24.94
CA SER C 97 21.25 9.83 26.06
C SER C 97 22.71 10.17 25.78
N ASN C 98 23.11 10.11 24.51
CA ASN C 98 24.44 10.56 24.14
C ASN C 98 24.60 12.07 24.31
N GLU C 99 23.56 12.83 24.00
CA GLU C 99 23.60 14.28 24.25
C GLU C 99 23.70 14.61 25.74
N ARG C 100 22.90 13.94 26.56
CA ARG C 100 23.00 14.14 28.01
C ARG C 100 24.34 13.65 28.56
N TYR C 101 24.90 12.60 27.94
CA TYR C 101 26.25 12.14 28.29
C TYR C 101 27.29 13.18 27.96
N GLN C 102 27.12 13.92 26.85
CA GLN C 102 28.06 14.98 26.52
C GLN C 102 28.02 16.10 27.54
N LEU C 103 26.80 16.50 27.94
CA LEU C 103 26.71 17.59 28.92
C LEU C 103 27.16 17.13 30.30
N LEU C 104 27.10 15.83 30.58
CA LEU C 104 27.65 15.32 31.84
C LEU C 104 29.16 15.11 31.73
N SER C 105 29.67 14.98 30.52
CA SER C 105 31.12 14.85 30.34
C SER C 105 31.81 16.19 30.32
N GLN C 106 31.05 17.29 30.21
CA GLN C 106 31.67 18.61 30.32
C GLN C 106 31.71 19.11 31.76
N TRP C 107 31.57 18.21 32.74
CA TRP C 107 31.51 18.50 34.16
C TRP C 107 32.90 18.81 34.72
N PRO C 108 33.03 19.68 35.71
CA PRO C 108 34.36 19.94 36.29
C PRO C 108 34.80 18.84 37.24
N ASP C 109 36.11 18.64 37.31
CA ASP C 109 36.70 17.58 38.13
C ASP C 109 36.70 18.02 39.58
N PHE C 110 35.75 17.50 40.36
CA PHE C 110 35.67 17.88 41.77
C PHE C 110 36.69 17.11 42.60
N THR C 111 37.17 15.97 42.09
CA THR C 111 38.10 15.13 42.86
C THR C 111 39.47 15.77 42.99
N THR C 112 39.75 16.83 42.22
CA THR C 112 40.97 17.58 42.41
C THR C 112 40.93 18.43 43.66
N MET C 113 39.75 18.61 44.25
CA MET C 113 39.60 19.36 45.50
C MET C 113 39.19 18.48 46.67
N TYR C 114 39.61 17.22 46.67
CA TYR C 114 39.32 16.30 47.76
C TYR C 114 40.39 16.33 48.85
N GLY C 115 41.40 17.17 48.73
CA GLY C 115 42.49 17.16 49.69
C GLY C 115 42.08 17.77 51.02
N LYS C 116 42.94 17.56 52.02
CA LYS C 116 42.61 18.03 53.36
C LYS C 116 42.83 19.53 53.50
N ASP C 117 43.64 20.11 52.61
CA ASP C 117 43.77 21.57 52.61
C ASP C 117 42.49 22.23 52.14
N PHE C 118 41.85 21.68 51.11
CA PHE C 118 40.54 22.19 50.70
C PHE C 118 39.47 21.84 51.73
N TYR C 119 39.67 20.78 52.50
CA TYR C 119 38.74 20.42 53.56
C TYR C 119 38.79 21.43 54.70
N TYR C 120 39.98 21.84 55.09
CA TYR C 120 40.11 22.63 56.32
C TYR C 120 40.13 24.12 56.03
N ARG C 121 40.35 24.52 54.77
CA ARG C 121 40.27 25.94 54.45
C ARG C 121 38.82 26.37 54.24
N ALA C 122 37.91 25.41 54.09
CA ALA C 122 36.56 25.73 53.64
C ALA C 122 35.59 25.86 54.79
N HIS C 123 34.54 26.65 54.55
CA HIS C 123 33.36 26.66 55.39
C HIS C 123 32.75 25.26 55.41
N PRO C 124 32.32 24.76 56.58
CA PRO C 124 31.81 23.38 56.64
C PRO C 124 30.52 23.14 55.86
N GLU C 125 29.63 24.13 55.82
CA GLU C 125 28.40 23.97 55.05
C GLU C 125 28.68 24.00 53.55
N ASP C 126 29.64 24.81 53.12
CA ASP C 126 30.06 24.81 51.72
C ASP C 126 30.74 23.49 51.35
N LEU C 127 31.45 22.89 52.30
CA LEU C 127 32.09 21.60 52.04
C LEU C 127 31.06 20.48 51.94
N LYS C 128 30.01 20.52 52.77
CA LYS C 128 28.95 19.54 52.64
C LYS C 128 28.16 19.74 51.35
N LYS C 129 28.00 20.99 50.92
CA LYS C 129 27.40 21.28 49.61
C LYS C 129 28.25 20.70 48.48
N PHE C 130 29.56 20.82 48.60
CA PHE C 130 30.48 20.29 47.60
C PHE C 130 30.42 18.77 47.52
N TYR C 131 30.36 18.11 48.68
CA TYR C 131 30.31 16.64 48.70
C TYR C 131 28.96 16.14 48.20
N ASP C 132 27.88 16.88 48.48
CA ASP C 132 26.57 16.53 47.94
C ASP C 132 26.53 16.74 46.43
N ALA C 133 27.23 17.75 45.93
CA ALA C 133 27.32 17.95 44.49
C ALA C 133 28.08 16.83 43.81
N ALA C 134 29.13 16.33 44.46
CA ALA C 134 29.86 15.18 43.93
C ALA C 134 28.99 13.92 43.89
N ASP C 135 28.22 13.68 44.94
CA ASP C 135 27.31 12.54 44.95
C ASP C 135 26.19 12.70 43.91
N GLU C 136 25.77 13.94 43.67
CA GLU C 136 24.77 14.20 42.65
C GLU C 136 25.31 13.92 41.25
N TYR C 137 26.58 14.26 40.99
CA TYR C 137 27.19 13.89 39.72
C TYR C 137 27.28 12.38 39.56
N TYR C 138 27.63 11.67 40.63
CA TYR C 138 27.73 10.21 40.53
C TYR C 138 26.38 9.59 40.25
N LYS C 139 25.31 10.16 40.82
CA LYS C 139 23.95 9.68 40.53
C LYS C 139 23.56 9.94 39.08
N LEU C 140 23.85 11.15 38.58
CA LEU C 140 23.51 11.49 37.19
C LEU C 140 24.29 10.65 36.19
N TYR C 141 25.58 10.42 36.47
CA TYR C 141 26.40 9.64 35.55
C TYR C 141 26.04 8.17 35.59
N GLU C 142 25.59 7.67 36.75
CA GLU C 142 25.18 6.28 36.80
C GLU C 142 23.83 6.07 36.14
N THR C 143 22.97 7.10 36.14
CA THR C 143 21.67 6.91 35.52
C THR C 143 21.70 7.22 34.02
N VAL C 144 22.72 7.95 33.55
CA VAL C 144 22.76 8.20 32.11
C VAL C 144 23.45 7.04 31.39
N THR C 145 24.24 6.25 32.10
CA THR C 145 24.93 5.11 31.51
C THR C 145 24.15 3.82 31.69
N GLU C 146 22.93 3.88 32.20
CA GLU C 146 22.05 2.73 32.28
C GLU C 146 21.32 2.57 30.95
N PHE C 147 22.06 2.07 29.96
CA PHE C 147 21.54 1.99 28.60
C PHE C 147 20.55 0.84 28.44
N ASP C 148 20.66 -0.19 29.29
CA ASP C 148 19.76 -1.34 29.20
C ASP C 148 18.34 -0.98 29.57
N SER C 149 18.14 0.15 30.25
CA SER C 149 16.81 0.61 30.55
C SER C 149 16.13 1.21 29.34
N LEU C 150 16.92 1.66 28.35
CA LEU C 150 16.40 2.48 27.24
C LEU C 150 15.40 1.70 26.40
N SER C 151 15.63 0.41 26.22
CA SER C 151 14.70 -0.45 25.48
C SER C 151 13.33 -0.47 26.12
N ALA C 152 13.27 -0.53 27.46
CA ALA C 152 11.99 -0.48 28.15
C ALA C 152 11.31 0.86 27.96
N LEU C 153 12.09 1.94 27.87
CA LEU C 153 11.53 3.26 27.60
C LEU C 153 10.92 3.30 26.21
N ALA C 154 11.52 2.56 25.27
CA ALA C 154 10.97 2.50 23.92
C ALA C 154 9.62 1.80 23.92
N SER C 155 9.43 0.86 24.85
CA SER C 155 8.14 0.17 24.95
C SER C 155 7.08 1.06 25.58
N GLN C 156 7.47 2.23 26.09
CA GLN C 156 6.47 3.17 26.56
C GLN C 156 5.99 4.08 25.45
N VAL C 157 6.69 4.06 24.30
CA VAL C 157 6.33 4.97 23.22
C VAL C 157 5.52 4.24 22.15
N VAL C 158 5.82 2.96 21.94
CA VAL C 158 5.24 2.11 20.90
C VAL C 158 3.71 2.00 20.92
N PRO C 159 2.99 1.66 22.08
CA PRO C 159 1.56 1.35 21.97
C PRO C 159 0.66 2.50 21.55
N ASN C 160 0.80 3.66 22.18
CA ASN C 160 -0.03 4.82 21.88
C ASN C 160 0.13 5.25 20.43
N TYR C 161 1.38 5.30 19.96
CA TYR C 161 1.68 5.55 18.54
C TYR C 161 1.01 4.53 17.65
N ALA C 162 1.05 3.26 18.05
CA ALA C 162 0.40 2.22 17.26
C ALA C 162 -1.11 2.39 17.26
N ALA C 163 -1.66 2.93 18.35
CA ALA C 163 -3.09 3.19 18.38
C ALA C 163 -3.45 4.35 17.48
N ARG C 164 -2.48 5.23 17.20
CA ARG C 164 -2.73 6.28 16.22
C ARG C 164 -2.67 5.74 14.80
N ARG C 165 -2.00 4.59 14.63
CA ARG C 165 -1.83 4.05 13.29
C ARG C 165 -2.98 3.13 12.93
N ARG C 166 -3.70 2.63 13.92
CA ARG C 166 -4.92 1.87 13.70
C ARG C 166 -6.10 2.82 13.55
N SER C 167 -6.03 3.75 12.62
CA SER C 167 -7.10 4.68 12.36
C SER C 167 -8.14 4.00 11.49
N THR C 168 -9.41 4.37 11.71
CA THR C 168 -10.47 3.80 10.90
C THR C 168 -10.51 4.41 9.51
N VAL C 169 -9.80 5.51 9.29
CA VAL C 169 -9.70 6.09 7.95
C VAL C 169 -8.52 5.47 7.21
N HIS C 170 -7.30 5.72 7.68
CA HIS C 170 -6.09 5.32 6.97
C HIS C 170 -4.92 5.39 7.93
N PRO C 171 -3.92 4.52 7.79
CA PRO C 171 -2.72 4.63 8.63
C PRO C 171 -1.92 5.91 8.43
N ALA C 172 -2.00 6.53 7.26
CA ALA C 172 -1.21 7.69 6.91
C ALA C 172 -2.02 8.97 6.85
N ILE C 173 -3.24 8.98 7.37
CA ILE C 173 -4.04 10.19 7.29
C ILE C 173 -3.57 11.18 8.35
N GLY C 174 -3.62 12.46 8.01
CA GLY C 174 -3.21 13.51 8.91
C GLY C 174 -4.21 14.65 8.89
N SER C 175 -3.81 15.77 9.48
CA SER C 175 -4.69 16.91 9.55
C SER C 175 -4.75 17.66 8.23
N THR C 176 -3.63 17.78 7.53
CA THR C 176 -3.57 18.62 6.34
C THR C 176 -4.27 17.96 5.15
N VAL C 177 -4.08 16.64 4.99
CA VAL C 177 -4.74 15.90 3.92
C VAL C 177 -6.24 15.88 4.13
N ALA C 178 -6.67 15.69 5.38
CA ALA C 178 -8.10 15.69 5.68
C ALA C 178 -8.70 17.09 5.55
N ASP C 179 -7.90 18.12 5.81
CA ASP C 179 -8.37 19.49 5.63
C ASP C 179 -8.55 19.82 4.15
N GLY C 180 -7.60 19.41 3.30
CA GLY C 180 -7.75 19.63 1.88
C GLY C 180 -8.89 18.82 1.27
N ALA C 181 -9.08 17.60 1.77
CA ALA C 181 -10.21 16.81 1.31
C ALA C 181 -11.53 17.38 1.81
N PHE C 182 -11.51 18.07 2.95
CA PHE C 182 -12.73 18.73 3.41
C PHE C 182 -13.02 19.99 2.61
N THR C 183 -11.96 20.67 2.13
CA THR C 183 -12.19 21.75 1.18
C THR C 183 -12.82 21.23 -0.11
N ASN C 184 -12.33 20.09 -0.61
CA ASN C 184 -12.92 19.52 -1.81
C ASN C 184 -14.34 19.04 -1.56
N PHE C 185 -14.62 18.53 -0.37
CA PHE C 185 -15.96 18.03 -0.05
C PHE C 185 -16.94 19.17 0.14
N LEU C 186 -16.52 20.25 0.78
CA LEU C 186 -17.43 21.33 1.13
C LEU C 186 -17.66 22.26 -0.06
N LEU C 187 -16.60 22.58 -0.79
CA LEU C 187 -16.73 23.55 -1.88
C LEU C 187 -17.36 22.92 -3.11
N SER C 188 -17.45 21.60 -3.15
CA SER C 188 -18.31 20.94 -4.12
C SER C 188 -19.73 20.83 -3.56
N LYS C 189 -20.69 20.62 -4.44
CA LYS C 189 -22.09 20.57 -4.01
C LYS C 189 -22.39 19.24 -3.33
N GLN C 190 -23.09 19.32 -2.19
CA GLN C 190 -23.49 18.19 -1.34
C GLN C 190 -22.32 17.27 -0.97
N HIS D 148 -65.15 -0.41 18.05
CA HIS D 148 -66.14 -1.23 17.36
C HIS D 148 -65.59 -1.70 16.02
N LYS D 149 -65.48 -0.76 15.08
CA LYS D 149 -64.85 -1.08 13.80
C LYS D 149 -63.35 -1.29 13.99
N LYS D 150 -62.81 -2.25 13.26
CA LYS D 150 -61.40 -2.63 13.42
C LYS D 150 -60.55 -1.76 12.48
N GLU D 151 -60.39 -0.51 12.88
CA GLU D 151 -59.59 0.46 12.15
C GLU D 151 -58.68 1.18 13.12
N VAL D 152 -57.39 1.22 12.82
CA VAL D 152 -56.41 1.93 13.64
C VAL D 152 -55.62 2.86 12.72
N TYR D 153 -55.50 4.11 13.13
CA TYR D 153 -54.81 5.14 12.35
C TYR D 153 -53.34 5.14 12.69
N CYS D 154 -52.49 5.21 11.68
CA CYS D 154 -51.05 5.24 11.88
C CYS D 154 -50.42 6.16 10.85
N THR D 155 -49.21 6.62 11.16
CA THR D 155 -48.41 7.43 10.27
C THR D 155 -47.14 6.67 9.95
N VAL D 156 -46.92 6.37 8.68
CA VAL D 156 -45.71 5.67 8.25
C VAL D 156 -44.76 6.68 7.62
N ILE D 157 -43.52 6.68 8.07
CA ILE D 157 -42.50 7.61 7.61
C ILE D 157 -41.39 6.82 6.95
N THR D 158 -41.11 7.11 5.69
CA THR D 158 -40.08 6.42 4.94
C THR D 158 -39.05 7.43 4.46
N ALA D 159 -37.96 6.91 3.91
CA ALA D 159 -36.93 7.77 3.34
C ALA D 159 -37.33 8.28 1.97
N GLU D 160 -38.02 7.43 1.21
CA GLU D 160 -38.34 7.66 -0.19
C GLU D 160 -39.84 7.51 -0.38
N PRO D 161 -40.39 8.08 -1.46
CA PRO D 161 -41.77 7.76 -1.82
C PRO D 161 -41.93 6.30 -2.19
N LEU D 162 -43.08 5.74 -1.84
CA LEU D 162 -43.26 4.29 -1.85
C LEU D 162 -43.53 3.76 -3.25
N ASP D 163 -42.94 2.62 -3.55
CA ASP D 163 -43.40 1.78 -4.64
C ASP D 163 -44.64 1.01 -4.17
N LYS D 164 -45.43 0.52 -5.13
CA LYS D 164 -46.68 -0.14 -4.77
C LYS D 164 -46.42 -1.54 -4.23
N LEU D 165 -45.39 -2.21 -4.74
CA LEU D 165 -44.99 -3.48 -4.14
C LEU D 165 -44.34 -3.25 -2.78
N GLU D 166 -43.58 -2.15 -2.67
CA GLU D 166 -43.08 -1.72 -1.36
C GLU D 166 -44.22 -1.35 -0.44
N ARG D 167 -45.29 -0.79 -0.98
CA ARG D 167 -46.45 -0.41 -0.18
C ARG D 167 -47.17 -1.64 0.37
N VAL D 168 -47.37 -2.67 -0.47
CA VAL D 168 -48.11 -3.83 0.01
C VAL D 168 -47.23 -4.69 0.92
N GLU D 169 -45.90 -4.69 0.71
CA GLU D 169 -45.02 -5.39 1.63
C GLU D 169 -44.95 -4.68 2.98
N LEU D 170 -44.95 -3.34 2.97
CA LEU D 170 -44.95 -2.58 4.21
C LEU D 170 -46.28 -2.71 4.93
N THR D 171 -47.39 -2.82 4.18
CA THR D 171 -48.68 -3.03 4.80
C THR D 171 -48.76 -4.41 5.47
N LYS D 172 -48.23 -5.44 4.80
CA LYS D 172 -48.23 -6.77 5.40
C LYS D 172 -47.24 -6.86 6.56
N LYS D 173 -46.21 -6.03 6.55
CA LYS D 173 -45.31 -5.97 7.71
C LYS D 173 -45.97 -5.25 8.89
N ALA D 174 -46.74 -4.20 8.61
CA ALA D 174 -47.28 -3.38 9.70
C ALA D 174 -48.58 -3.95 10.23
N GLU D 175 -49.19 -4.90 9.51
CA GLU D 175 -50.38 -5.58 10.03
C GLU D 175 -50.04 -6.57 11.15
N LYS D 176 -48.76 -6.84 11.38
CA LYS D 176 -48.39 -7.75 12.47
C LYS D 176 -48.16 -6.99 13.77
N PHE D 177 -48.06 -5.66 13.71
CA PHE D 177 -47.89 -4.89 14.94
C PHE D 177 -49.24 -4.51 15.55
N VAL D 178 -50.32 -4.58 14.76
CA VAL D 178 -51.64 -4.28 15.30
C VAL D 178 -52.19 -5.51 16.02
N ASP D 179 -53.31 -5.30 16.73
CA ASP D 179 -53.77 -6.27 17.72
C ASP D 179 -54.39 -7.50 17.07
N ALA D 180 -55.10 -7.31 15.96
CA ALA D 180 -55.93 -8.35 15.35
C ALA D 180 -55.94 -8.13 13.85
N GLY D 181 -56.99 -8.59 13.17
CA GLY D 181 -57.17 -8.28 11.76
C GLY D 181 -57.70 -6.88 11.48
N PHE D 182 -57.19 -5.90 12.21
CA PHE D 182 -57.59 -4.50 12.06
C PHE D 182 -57.21 -3.96 10.70
N LYS D 183 -58.09 -3.16 10.12
CA LYS D 183 -57.74 -2.41 8.93
C LYS D 183 -56.82 -1.27 9.31
N LEU D 184 -55.83 -1.03 8.46
CA LEU D 184 -54.77 -0.06 8.73
C LEU D 184 -54.86 1.09 7.74
N VAL D 185 -55.13 2.28 8.25
CA VAL D 185 -55.17 3.48 7.41
C VAL D 185 -53.93 4.33 7.65
N MET D 186 -52.94 4.16 6.78
CA MET D 186 -51.65 4.81 6.98
C MET D 186 -51.57 6.14 6.24
N GLN D 187 -50.73 7.03 6.77
CA GLN D 187 -50.37 8.28 6.11
C GLN D 187 -48.88 8.28 5.87
N GLU D 188 -48.46 8.61 4.65
CA GLU D 188 -47.06 8.54 4.25
C GLU D 188 -46.39 9.88 4.47
N LYS D 189 -45.18 9.85 5.02
CA LYS D 189 -44.33 11.02 5.14
C LYS D 189 -42.93 10.70 4.62
N ILE D 190 -42.12 11.73 4.47
CA ILE D 190 -40.76 11.61 3.96
C ILE D 190 -39.80 12.16 5.00
N ASP D 191 -38.81 11.35 5.37
CA ASP D 191 -37.69 11.80 6.21
C ASP D 191 -36.42 11.20 5.64
N LYS D 192 -35.59 12.03 5.02
CA LYS D 192 -34.37 11.52 4.43
C LYS D 192 -33.26 11.31 5.46
N LYS D 193 -33.44 11.77 6.69
CA LYS D 193 -32.52 11.40 7.76
C LYS D 193 -32.63 9.91 8.09
N LEU D 194 -33.81 9.35 7.93
CA LEU D 194 -33.94 7.90 7.79
C LEU D 194 -33.23 7.49 6.51
N LEU D 195 -32.39 6.47 6.57
CA LEU D 195 -31.66 6.06 5.38
C LEU D 195 -32.48 5.09 4.55
N GLY D 196 -33.15 4.16 5.20
CA GLY D 196 -34.04 3.23 4.55
C GLY D 196 -35.04 2.72 5.55
N GLY D 197 -35.79 1.71 5.16
CA GLY D 197 -36.78 1.14 6.05
C GLY D 197 -37.97 2.06 6.22
N PHE D 198 -38.54 2.03 7.43
CA PHE D 198 -39.73 2.81 7.73
C PHE D 198 -39.84 3.01 9.24
N VAL D 199 -40.59 4.05 9.62
CA VAL D 199 -40.98 4.28 11.00
C VAL D 199 -42.49 4.38 11.05
N ILE D 200 -43.13 3.44 11.75
CA ILE D 200 -44.58 3.46 11.90
C ILE D 200 -44.94 4.21 13.17
N GLU D 201 -45.64 5.33 13.03
CA GLU D 201 -46.09 6.13 14.15
C GLU D 201 -47.56 5.86 14.39
N PHE D 202 -47.86 5.07 15.40
CA PHE D 202 -49.22 4.97 15.91
C PHE D 202 -49.42 6.07 16.94
N SER D 203 -50.67 6.20 17.40
CA SER D 203 -50.92 7.10 18.53
C SER D 203 -50.44 6.48 19.83
N ASP D 204 -50.54 5.15 19.93
CA ASP D 204 -50.16 4.47 21.17
C ASP D 204 -48.66 4.18 21.19
N ARG D 205 -48.11 3.71 20.08
CA ARG D 205 -46.75 3.16 20.09
C ARG D 205 -46.00 3.57 18.84
N ARG D 206 -44.71 3.22 18.82
CA ARG D 206 -43.81 3.51 17.71
C ARG D 206 -43.04 2.24 17.37
N VAL D 207 -42.88 1.98 16.08
CA VAL D 207 -42.02 0.90 15.60
C VAL D 207 -41.00 1.51 14.65
N ASP D 208 -39.73 1.41 15.02
CA ASP D 208 -38.64 2.03 14.28
C ASP D 208 -37.86 0.93 13.56
N MET D 209 -38.34 0.55 12.36
CA MET D 209 -37.62 -0.38 11.52
C MET D 209 -36.80 0.32 10.45
N SER D 210 -36.33 1.53 10.73
CA SER D 210 -35.47 2.25 9.82
C SER D 210 -34.07 1.68 9.86
N THR D 211 -33.28 1.97 8.83
CA THR D 211 -31.92 1.47 8.78
C THR D 211 -30.97 2.36 9.58
N ALA D 212 -31.37 3.60 9.85
CA ALA D 212 -30.53 4.47 10.68
C ALA D 212 -30.54 4.01 12.13
N LYS D 213 -31.72 3.66 12.65
CA LYS D 213 -31.80 3.04 13.97
C LYS D 213 -31.09 1.70 13.99
N LYS D 214 -31.11 0.98 12.87
CA LYS D 214 -30.42 -0.31 12.79
C LYS D 214 -28.92 -0.15 12.86
N VAL D 215 -28.34 0.82 12.13
CA VAL D 215 -26.90 0.99 12.16
C VAL D 215 -26.46 1.62 13.48
N GLU D 216 -27.34 2.39 14.13
CA GLU D 216 -26.99 2.94 15.44
C GLU D 216 -27.00 1.86 16.51
N GLU D 217 -27.98 0.95 16.46
CA GLU D 217 -28.01 -0.20 17.35
C GLU D 217 -26.83 -1.14 17.08
N PHE D 218 -26.47 -1.28 15.80
CA PHE D 218 -25.29 -2.05 15.40
C PHE D 218 -24.02 -1.47 16.01
N ASN D 219 -23.84 -0.16 15.90
CA ASN D 219 -22.64 0.48 16.42
C ASN D 219 -22.59 0.40 17.94
N ASN D 220 -23.73 0.53 18.61
CA ASN D 220 -23.76 0.42 20.06
C ASN D 220 -23.45 -1.00 20.52
N PHE D 221 -23.97 -2.00 19.80
CA PHE D 221 -23.71 -3.39 20.16
C PHE D 221 -22.26 -3.77 19.93
N VAL D 222 -21.67 -3.29 18.82
CA VAL D 222 -20.28 -3.56 18.52
C VAL D 222 -19.37 -2.89 19.54
N ASN D 223 -19.70 -1.65 19.93
CA ASN D 223 -18.90 -0.94 20.92
C ASN D 223 -18.99 -1.61 22.30
N LYS D 224 -20.18 -2.09 22.68
CA LYS D 224 -20.31 -2.77 23.96
C LYS D 224 -19.59 -4.11 23.97
N LEU D 225 -19.54 -4.81 22.84
CA LEU D 225 -18.75 -6.04 22.79
C LEU D 225 -17.25 -5.75 22.86
N VAL D 226 -16.75 -4.74 22.14
CA VAL D 226 -15.30 -4.55 22.10
C VAL D 226 -14.81 -3.89 23.38
N LEU D 227 -15.71 -3.25 24.14
CA LEU D 227 -15.32 -2.80 25.47
C LEU D 227 -15.52 -3.89 26.50
N SER D 228 -16.41 -4.86 26.23
CA SER D 228 -16.57 -5.98 27.15
C SER D 228 -15.39 -6.94 27.04
N ILE D 229 -14.95 -7.23 25.82
CA ILE D 229 -13.82 -8.13 25.60
C ILE D 229 -12.51 -7.44 25.98
N ALA E 40 18.55 -25.54 16.33
CA ALA E 40 17.64 -24.45 16.66
C ALA E 40 18.41 -23.22 17.12
N ASP E 41 19.74 -23.30 17.06
CA ASP E 41 20.55 -22.15 17.44
C ASP E 41 20.59 -21.11 16.33
N ALA E 42 20.36 -21.54 15.09
CA ALA E 42 20.22 -20.63 13.97
C ALA E 42 18.77 -20.63 13.47
N LYS E 43 18.28 -19.45 13.13
CA LYS E 43 16.90 -19.27 12.73
C LYS E 43 16.83 -18.78 11.29
N ALA E 44 15.76 -19.15 10.60
CA ALA E 44 15.55 -18.71 9.24
C ALA E 44 15.19 -17.23 9.20
N LEU E 45 15.41 -16.61 8.05
CA LEU E 45 15.17 -15.18 7.92
C LEU E 45 13.69 -14.85 7.97
N ASP E 46 12.84 -15.76 7.47
CA ASP E 46 11.40 -15.51 7.50
C ASP E 46 10.85 -15.61 8.91
N GLU E 47 11.53 -16.34 9.78
CA GLU E 47 11.17 -16.35 11.20
C GLU E 47 11.68 -15.11 11.90
N LEU E 48 12.80 -14.56 11.43
CA LEU E 48 13.42 -13.43 12.12
C LEU E 48 12.88 -12.10 11.64
N ARG E 49 12.13 -12.10 10.53
CA ARG E 49 11.63 -10.85 9.96
C ARG E 49 10.42 -10.30 10.71
N LYS E 50 9.71 -11.12 11.47
CA LYS E 50 8.43 -10.69 12.02
C LYS E 50 8.66 -9.83 13.26
N PRO E 51 7.90 -8.75 13.43
CA PRO E 51 7.99 -7.97 14.67
C PRO E 51 7.33 -8.71 15.81
N LYS E 52 7.86 -8.51 17.02
CA LYS E 52 7.43 -9.37 18.12
C LYS E 52 6.11 -8.92 18.72
N PHE E 53 6.09 -7.78 19.39
CA PHE E 53 4.99 -7.44 20.30
C PHE E 53 4.05 -6.48 19.60
N SER E 54 3.30 -6.99 18.63
CA SER E 54 2.26 -6.25 17.96
C SER E 54 0.92 -6.78 18.44
N SER E 55 -0.14 -5.99 18.27
CA SER E 55 -1.45 -6.36 18.76
C SER E 55 -2.25 -7.12 17.72
N LYS E 56 -1.56 -7.79 16.79
CA LYS E 56 -2.23 -8.46 15.68
C LYS E 56 -3.08 -9.63 16.16
N TYR E 57 -2.62 -10.35 17.18
CA TYR E 57 -3.37 -11.49 17.66
C TYR E 57 -4.44 -11.07 18.65
N LEU E 58 -4.27 -9.91 19.30
CA LEU E 58 -5.39 -9.31 20.02
C LEU E 58 -6.49 -8.88 19.07
N ILE E 59 -6.15 -8.28 17.93
CA ILE E 59 -7.16 -7.89 16.96
C ILE E 59 -7.82 -9.11 16.34
N GLN E 60 -7.05 -10.18 16.12
CA GLN E 60 -7.61 -11.42 15.61
C GLN E 60 -8.53 -12.08 16.63
N HIS E 61 -8.19 -12.00 17.91
CA HIS E 61 -9.02 -12.56 18.96
C HIS E 61 -10.32 -11.77 19.12
N VAL E 62 -10.23 -10.44 19.10
CA VAL E 62 -11.41 -9.59 19.20
C VAL E 62 -12.30 -9.77 17.97
N SER E 63 -11.70 -9.99 16.80
CA SER E 63 -12.47 -10.24 15.59
C SER E 63 -13.18 -11.59 15.65
N GLN E 64 -12.48 -12.61 16.15
CA GLN E 64 -13.09 -13.94 16.24
C GLN E 64 -14.17 -14.01 17.31
N LYS E 65 -14.09 -13.13 18.31
CA LYS E 65 -15.16 -13.09 19.32
C LYS E 65 -16.27 -12.12 18.91
N LEU E 66 -16.00 -11.23 17.95
CA LEU E 66 -16.94 -10.17 17.64
C LEU E 66 -17.80 -10.50 16.43
N ILE E 67 -17.21 -11.11 15.40
CA ILE E 67 -17.90 -11.33 14.12
C ILE E 67 -19.05 -12.35 14.23
N PRO E 68 -18.91 -13.57 14.85
CA PRO E 68 -20.10 -14.45 14.92
C PRO E 68 -21.17 -13.94 15.87
N ALA E 69 -20.77 -13.21 16.91
CA ALA E 69 -21.73 -12.62 17.84
C ALA E 69 -22.55 -11.53 17.17
N VAL E 70 -21.90 -10.70 16.34
CA VAL E 70 -22.64 -9.66 15.66
C VAL E 70 -23.40 -10.24 14.47
N LYS E 71 -22.97 -11.41 13.99
CA LYS E 71 -23.74 -12.12 12.97
C LYS E 71 -25.05 -12.65 13.55
N GLU E 72 -24.99 -13.22 14.76
CA GLU E 72 -26.22 -13.72 15.37
C GLU E 72 -27.10 -12.58 15.87
N TRP E 73 -26.49 -11.42 16.18
CA TRP E 73 -27.29 -10.22 16.43
C TRP E 73 -27.98 -9.75 15.17
N GLU E 74 -27.31 -9.85 14.03
CA GLU E 74 -27.90 -9.43 12.76
C GLU E 74 -29.02 -10.37 12.34
N LYS E 75 -28.88 -11.67 12.62
CA LYS E 75 -29.93 -12.61 12.24
C LYS E 75 -31.06 -12.61 13.26
N SER E 76 -30.80 -12.15 14.48
CA SER E 76 -31.83 -12.09 15.51
C SER E 76 -32.32 -10.68 15.80
N TYR E 77 -32.26 -9.78 14.82
CA TYR E 77 -32.60 -8.39 15.07
C TYR E 77 -34.10 -8.15 14.89
N GLN E 78 -34.75 -7.64 15.93
CA GLN E 78 -36.13 -7.21 15.88
C GLN E 78 -36.23 -5.89 16.64
N PRO E 79 -36.66 -4.82 16.00
CA PRO E 79 -36.78 -3.53 16.68
C PRO E 79 -37.94 -3.55 17.66
N PRO E 80 -37.74 -3.06 18.88
CA PRO E 80 -38.80 -3.13 19.88
C PRO E 80 -39.89 -2.08 19.62
N VAL E 81 -41.06 -2.34 20.18
CA VAL E 81 -42.21 -1.47 20.03
C VAL E 81 -42.18 -0.45 21.15
N ILE E 82 -41.84 0.79 20.83
CA ILE E 82 -41.67 1.86 21.81
C ILE E 82 -43.01 2.56 21.99
N HIS E 83 -43.47 2.63 23.24
CA HIS E 83 -44.72 3.30 23.58
C HIS E 83 -44.43 4.76 23.92
N LEU E 84 -45.27 5.67 23.40
CA LEU E 84 -44.95 7.09 23.49
C LEU E 84 -45.34 7.67 24.85
N GLY E 85 -46.61 7.63 25.19
CA GLY E 85 -47.08 8.25 26.41
C GLY E 85 -47.20 9.76 26.30
#